data_4RHE
#
_entry.id   4RHE
#
_cell.length_a   107.204
_cell.length_b   141.908
_cell.length_c   170.069
_cell.angle_alpha   90.00
_cell.angle_beta   90.00
_cell.angle_gamma   90.00
#
_symmetry.space_group_name_H-M   'C 2 2 21'
#
loop_
_entity.id
_entity.type
_entity.pdbx_description
1 polymer '3-octaprenyl-4-hydroxybenzoate carboxy-lyase'
2 non-polymer 'FLAVIN MONONUCLEOTIDE'
3 non-polymer 'SULFATE ION'
4 water water
#
_entity_poly.entity_id   1
_entity_poly.type   'polypeptide(L)'
_entity_poly.pdbx_seq_one_letter_code
;GSHMNNDFNGKITLAITGASGASYAMRLIECLIAANYQLYILCSSAGRIVLDTEVGVKIPSSPDAASKFLTEKYQAKDQQ
ITVFGKEQWFSPVASGSSAPKQMVVCPCSTGTMAAICHGMSDNLIERAADVVIKERGQLILMVRETPFSTLHLQNMLSLS
QQGVTIMPASPGFYHKVETIEDLIDFMVGRVLDHLGIEQDIMPRWGYNI
;
_entity_poly.pdbx_strand_id   A,B,C,D,E,F
#
# COMPACT_ATOMS: atom_id res chain seq x y z
N ASP A 7 -33.88 -35.99 7.80
CA ASP A 7 -34.68 -35.59 6.62
C ASP A 7 -34.45 -34.10 6.39
N PHE A 8 -33.19 -33.74 6.11
CA PHE A 8 -32.81 -32.44 5.59
C PHE A 8 -32.32 -32.72 4.19
N ASN A 9 -32.49 -31.77 3.27
CA ASN A 9 -31.98 -31.88 1.93
C ASN A 9 -30.48 -31.68 1.79
N GLY A 10 -29.81 -31.05 2.75
CA GLY A 10 -28.33 -30.89 2.61
C GLY A 10 -27.88 -29.92 3.67
N LYS A 11 -26.60 -29.71 3.85
CA LYS A 11 -26.08 -28.83 4.86
C LYS A 11 -25.43 -27.67 4.18
N ILE A 12 -25.72 -26.48 4.68
CA ILE A 12 -25.05 -25.24 4.28
C ILE A 12 -24.44 -24.50 5.46
N THR A 13 -23.23 -24.05 5.25
CA THR A 13 -22.58 -23.14 6.21
C THR A 13 -22.86 -21.69 5.83
N LEU A 14 -23.32 -20.91 6.79
CA LEU A 14 -23.71 -19.55 6.56
C LEU A 14 -22.97 -18.64 7.55
N ALA A 15 -22.15 -17.69 7.07
CA ALA A 15 -21.43 -16.78 7.93
C ALA A 15 -22.00 -15.37 7.81
N ILE A 16 -22.31 -14.73 8.93
CA ILE A 16 -22.79 -13.37 8.93
C ILE A 16 -21.67 -12.45 9.42
N THR A 17 -21.27 -11.45 8.63
CA THR A 17 -20.20 -10.57 9.09
C THR A 17 -20.67 -9.13 9.10
N GLY A 18 -19.73 -8.28 9.51
CA GLY A 18 -19.98 -6.93 9.81
C GLY A 18 -20.17 -5.98 8.67
N ALA A 19 -20.71 -6.42 7.57
CA ALA A 19 -21.05 -5.50 6.50
C ALA A 19 -22.50 -5.16 6.60
N SER A 20 -22.86 -4.01 6.04
CA SER A 20 -24.25 -3.63 6.07
C SER A 20 -24.97 -4.61 5.15
N GLY A 21 -26.22 -4.81 5.40
CA GLY A 21 -27.03 -5.72 4.60
C GLY A 21 -27.55 -6.88 5.40
N ALA A 22 -27.87 -6.63 6.67
CA ALA A 22 -28.28 -7.69 7.53
C ALA A 22 -29.58 -8.33 7.06
N SER A 23 -30.42 -7.57 6.36
CA SER A 23 -31.73 -8.11 5.98
C SER A 23 -31.61 -9.13 4.87
N TYR A 24 -30.52 -9.04 4.08
CA TYR A 24 -30.17 -10.16 3.16
C TYR A 24 -29.97 -11.51 3.88
N ALA A 25 -29.11 -11.52 4.86
CA ALA A 25 -28.83 -12.73 5.61
C ALA A 25 -30.09 -13.29 6.28
N MET A 26 -30.93 -12.40 6.88
CA MET A 26 -32.09 -12.88 7.57
C MET A 26 -33.10 -13.47 6.58
N ARG A 27 -33.34 -12.83 5.43
CA ARG A 27 -34.20 -13.42 4.44
C ARG A 27 -33.57 -14.78 3.84
N LEU A 28 -32.24 -14.87 3.74
CA LEU A 28 -31.60 -16.07 3.18
C LEU A 28 -31.84 -17.28 4.12
N ILE A 29 -31.68 -17.07 5.40
CA ILE A 29 -32.00 -18.13 6.39
C ILE A 29 -33.45 -18.54 6.32
N GLU A 30 -34.36 -17.58 6.26
CA GLU A 30 -35.78 -17.87 6.04
C GLU A 30 -36.04 -18.80 4.87
N CYS A 31 -35.50 -18.50 3.70
CA CYS A 31 -35.76 -19.36 2.53
C CYS A 31 -35.05 -20.70 2.65
N LEU A 32 -33.83 -20.73 3.21
CA LEU A 32 -33.13 -21.99 3.33
C LEU A 32 -33.84 -22.93 4.33
N ILE A 33 -34.40 -22.35 5.39
CA ILE A 33 -35.18 -23.12 6.37
C ILE A 33 -36.44 -23.65 5.68
N ALA A 34 -37.18 -22.82 4.94
CA ALA A 34 -38.33 -23.34 4.15
C ALA A 34 -37.99 -24.38 3.10
N ALA A 35 -36.76 -24.39 2.58
CA ALA A 35 -36.34 -25.39 1.62
C ALA A 35 -35.79 -26.62 2.27
N ASN A 36 -35.88 -26.68 3.60
CA ASN A 36 -35.49 -27.85 4.36
C ASN A 36 -34.01 -28.19 4.32
N TYR A 37 -33.16 -27.18 4.38
CA TYR A 37 -31.73 -27.40 4.49
C TYR A 37 -31.39 -27.21 5.92
N GLN A 38 -30.35 -27.92 6.34
CA GLN A 38 -29.73 -27.78 7.65
C GLN A 38 -28.63 -26.73 7.66
N LEU A 39 -28.64 -25.78 8.59
CA LEU A 39 -27.71 -24.65 8.56
C LEU A 39 -26.76 -24.70 9.73
N TYR A 40 -25.51 -24.44 9.45
CA TYR A 40 -24.49 -24.22 10.45
C TYR A 40 -24.17 -22.76 10.33
N ILE A 41 -24.59 -21.94 11.30
CA ILE A 41 -24.44 -20.47 11.24
C ILE A 41 -23.32 -19.95 12.16
N LEU A 42 -22.45 -19.16 11.61
CA LEU A 42 -21.33 -18.48 12.32
C LEU A 42 -21.61 -16.98 12.19
N CYS A 43 -21.41 -16.22 13.24
CA CYS A 43 -21.69 -14.82 13.25
C CYS A 43 -20.52 -14.18 13.98
N SER A 44 -19.92 -13.15 13.42
CA SER A 44 -18.78 -12.46 14.07
C SER A 44 -19.39 -11.44 14.98
N SER A 45 -18.52 -10.78 15.76
CA SER A 45 -18.98 -9.88 16.75
C SER A 45 -19.42 -8.63 16.02
N ALA A 46 -18.73 -8.24 14.94
CA ALA A 46 -19.23 -7.14 14.15
C ALA A 46 -20.54 -7.51 13.45
N GLY A 47 -20.67 -8.71 13.00
CA GLY A 47 -21.98 -9.17 12.50
C GLY A 47 -23.15 -9.03 13.49
N ARG A 48 -22.93 -9.33 14.77
CA ARG A 48 -23.95 -9.02 15.82
C ARG A 48 -24.38 -7.59 15.92
N ILE A 49 -23.39 -6.71 15.90
CA ILE A 49 -23.64 -5.33 15.97
C ILE A 49 -24.46 -4.86 14.78
N VAL A 50 -24.13 -5.31 13.59
CA VAL A 50 -24.93 -4.95 12.45
C VAL A 50 -26.36 -5.48 12.51
N LEU A 51 -26.54 -6.72 12.91
CA LEU A 51 -27.92 -7.24 12.94
C LEU A 51 -28.76 -6.43 13.96
N ASP A 52 -28.18 -6.13 15.10
CA ASP A 52 -28.85 -5.44 16.19
C ASP A 52 -29.30 -4.09 15.65
N THR A 53 -28.39 -3.34 15.04
CA THR A 53 -28.73 -1.97 14.61
C THR A 53 -29.59 -1.88 13.35
N GLU A 54 -29.38 -2.77 12.40
CA GLU A 54 -30.06 -2.62 11.15
C GLU A 54 -31.45 -3.21 11.18
N VAL A 55 -31.58 -4.38 11.78
CA VAL A 55 -32.82 -5.10 11.74
C VAL A 55 -33.39 -5.41 13.11
N GLY A 56 -32.75 -4.93 14.16
CA GLY A 56 -33.28 -5.09 15.51
C GLY A 56 -33.24 -6.51 15.98
N VAL A 57 -32.32 -7.32 15.45
CA VAL A 57 -32.13 -8.68 15.91
C VAL A 57 -30.86 -8.84 16.76
N LYS A 58 -31.06 -9.30 18.01
CA LYS A 58 -30.00 -9.42 19.02
C LYS A 58 -29.73 -10.88 19.21
N ILE A 59 -28.72 -11.40 18.54
CA ILE A 59 -28.34 -12.79 18.67
C ILE A 59 -27.53 -12.98 19.94
N PRO A 60 -27.96 -13.88 20.85
CA PRO A 60 -27.20 -14.07 22.09
C PRO A 60 -25.75 -14.48 21.86
N SER A 61 -24.86 -14.06 22.72
CA SER A 61 -23.46 -14.29 22.38
C SER A 61 -23.07 -15.74 22.54
N SER A 62 -23.68 -16.47 23.46
CA SER A 62 -23.24 -17.86 23.65
C SER A 62 -23.88 -18.73 22.57
N PRO A 63 -23.12 -19.67 22.05
CA PRO A 63 -23.64 -20.40 20.89
C PRO A 63 -24.87 -21.23 21.09
N ASP A 64 -25.05 -21.83 22.26
CA ASP A 64 -26.29 -22.62 22.48
C ASP A 64 -27.52 -21.76 22.55
N ALA A 65 -27.42 -20.68 23.28
CA ALA A 65 -28.56 -19.77 23.36
C ALA A 65 -28.84 -19.20 21.98
N ALA A 66 -27.77 -18.93 21.21
CA ALA A 66 -28.01 -18.40 19.91
C ALA A 66 -28.70 -19.44 18.99
N SER A 67 -28.36 -20.73 19.06
CA SER A 67 -29.09 -21.78 18.30
C SER A 67 -30.53 -21.82 18.70
N LYS A 68 -30.77 -21.83 19.99
CA LYS A 68 -32.15 -21.81 20.49
C LYS A 68 -32.92 -20.58 20.02
N PHE A 69 -32.30 -19.41 20.13
CA PHE A 69 -32.89 -18.14 19.65
C PHE A 69 -33.29 -18.22 18.18
N LEU A 70 -32.36 -18.64 17.32
CA LEU A 70 -32.69 -18.64 15.91
C LEU A 70 -33.67 -19.75 15.57
N THR A 71 -33.55 -20.89 16.24
CA THR A 71 -34.47 -21.97 16.07
C THR A 71 -35.89 -21.53 16.26
N GLU A 72 -36.13 -20.78 17.32
CA GLU A 72 -37.47 -20.30 17.67
C GLU A 72 -37.89 -19.22 16.69
N LYS A 73 -36.92 -18.35 16.37
CA LYS A 73 -37.19 -17.29 15.40
C LYS A 73 -37.75 -17.84 14.08
N TYR A 74 -37.20 -18.92 13.56
CA TYR A 74 -37.63 -19.39 12.25
C TYR A 74 -38.53 -20.64 12.34
N GLN A 75 -38.82 -21.08 13.57
CA GLN A 75 -39.65 -22.24 13.91
C GLN A 75 -39.04 -23.41 13.22
N ALA A 76 -37.71 -23.49 13.35
CA ALA A 76 -36.93 -24.54 12.71
C ALA A 76 -37.14 -25.85 13.38
N LYS A 77 -36.79 -26.91 12.66
CA LYS A 77 -36.82 -28.26 13.26
C LYS A 77 -35.63 -28.53 14.08
N ASP A 78 -35.78 -29.60 14.87
CA ASP A 78 -34.74 -30.21 15.68
C ASP A 78 -33.47 -30.35 14.80
N GLN A 79 -32.38 -29.79 15.31
CA GLN A 79 -31.07 -29.80 14.64
C GLN A 79 -30.93 -29.10 13.31
N GLN A 80 -31.99 -28.42 12.88
CA GLN A 80 -31.95 -27.67 11.66
C GLN A 80 -31.02 -26.44 11.69
N ILE A 81 -30.84 -25.85 12.87
CA ILE A 81 -29.97 -24.71 12.99
C ILE A 81 -29.02 -24.90 14.13
N THR A 82 -27.74 -24.75 13.85
CA THR A 82 -26.74 -24.75 14.90
C THR A 82 -25.81 -23.60 14.72
N VAL A 83 -25.68 -22.82 15.79
CA VAL A 83 -24.73 -21.73 15.83
C VAL A 83 -23.43 -22.24 16.47
N PHE A 84 -22.32 -21.87 15.86
CA PHE A 84 -21.00 -22.22 16.36
C PHE A 84 -20.20 -20.98 16.73
N GLY A 85 -19.50 -21.03 17.85
CA GLY A 85 -18.70 -19.90 18.32
C GLY A 85 -17.41 -19.67 17.58
N LYS A 86 -16.81 -18.49 17.77
CA LYS A 86 -15.70 -18.08 16.92
C LYS A 86 -14.36 -18.90 17.02
N GLU A 87 -14.19 -19.72 18.07
CA GLU A 87 -13.09 -20.71 18.08
C GLU A 87 -13.51 -22.12 18.46
N GLN A 88 -14.73 -22.49 18.12
CA GLN A 88 -15.23 -23.82 18.38
C GLN A 88 -14.79 -24.78 17.29
N TRP A 89 -13.56 -25.24 17.46
CA TRP A 89 -12.92 -25.99 16.42
C TRP A 89 -13.44 -27.39 16.32
N PHE A 90 -14.14 -27.85 17.35
CA PHE A 90 -14.81 -29.12 17.27
C PHE A 90 -15.97 -29.13 16.26
N SER A 91 -16.39 -27.97 15.80
CA SER A 91 -17.44 -27.90 14.76
C SER A 91 -17.08 -28.70 13.49
N PRO A 92 -18.05 -29.35 12.82
CA PRO A 92 -17.87 -30.01 11.54
C PRO A 92 -17.23 -29.09 10.42
N VAL A 93 -17.49 -27.78 10.50
CA VAL A 93 -17.07 -26.82 9.49
C VAL A 93 -15.57 -26.59 9.47
N ALA A 94 -14.91 -26.94 10.58
CA ALA A 94 -13.46 -26.57 10.76
C ALA A 94 -12.48 -27.62 10.13
N SER A 95 -13.00 -28.76 9.67
CA SER A 95 -12.17 -29.84 9.10
C SER A 95 -12.73 -30.24 7.77
N GLY A 96 -11.81 -30.34 6.80
CA GLY A 96 -12.06 -30.96 5.53
C GLY A 96 -12.61 -32.34 5.56
N SER A 97 -12.35 -33.07 6.66
CA SER A 97 -12.87 -34.41 6.78
C SER A 97 -14.38 -34.43 7.00
N SER A 98 -15.00 -33.31 7.38
CA SER A 98 -16.38 -33.29 7.84
C SER A 98 -17.20 -32.13 7.35
N ALA A 99 -16.62 -31.14 6.64
CA ALA A 99 -17.35 -29.87 6.47
C ALA A 99 -18.31 -29.94 5.34
N PRO A 100 -19.43 -29.17 5.44
CA PRO A 100 -20.33 -29.05 4.29
C PRO A 100 -19.60 -28.51 3.06
N LYS A 101 -20.12 -28.75 1.88
CA LYS A 101 -19.41 -28.37 0.68
C LYS A 101 -19.94 -27.04 0.11
N GLN A 102 -20.96 -26.45 0.72
CA GLN A 102 -21.45 -25.18 0.30
C GLN A 102 -21.45 -24.14 1.45
N MET A 103 -20.91 -22.94 1.23
CA MET A 103 -20.82 -21.95 2.24
C MET A 103 -21.17 -20.59 1.66
N VAL A 104 -21.93 -19.80 2.38
CA VAL A 104 -22.24 -18.44 2.00
C VAL A 104 -21.79 -17.48 3.11
N VAL A 105 -21.10 -16.41 2.73
CA VAL A 105 -20.81 -15.34 3.65
C VAL A 105 -21.72 -14.15 3.25
N CYS A 106 -22.66 -13.85 4.13
CA CYS A 106 -23.67 -12.91 3.79
C CYS A 106 -24.20 -12.21 4.99
N PRO A 107 -24.05 -10.88 5.06
CA PRO A 107 -23.22 -10.08 4.19
C PRO A 107 -21.76 -10.31 4.54
N CYS A 108 -20.90 -9.98 3.58
CA CYS A 108 -19.50 -10.26 3.73
C CYS A 108 -18.77 -8.93 3.82
N SER A 109 -18.05 -8.69 4.88
CA SER A 109 -17.28 -7.46 4.93
C SER A 109 -16.10 -7.52 3.98
N THR A 110 -15.57 -6.37 3.60
CA THR A 110 -14.32 -6.41 2.89
C THR A 110 -13.17 -6.97 3.73
N GLY A 111 -13.18 -6.81 5.06
CA GLY A 111 -12.11 -7.37 5.93
C GLY A 111 -12.14 -8.87 6.06
N THR A 112 -13.34 -9.46 6.08
CA THR A 112 -13.49 -10.94 6.04
C THR A 112 -13.16 -11.46 4.64
N MET A 113 -13.57 -10.75 3.59
CA MET A 113 -13.13 -11.11 2.22
C MET A 113 -11.60 -11.12 2.04
N ALA A 114 -10.93 -10.13 2.61
CA ALA A 114 -9.48 -10.08 2.62
C ALA A 114 -8.81 -11.21 3.37
N ALA A 115 -9.33 -11.52 4.52
CA ALA A 115 -8.80 -12.59 5.33
C ALA A 115 -8.92 -13.88 4.60
N ILE A 116 -10.05 -14.14 3.96
CA ILE A 116 -10.22 -15.36 3.20
C ILE A 116 -9.31 -15.40 1.95
N CYS A 117 -9.27 -14.29 1.19
CA CYS A 117 -8.33 -14.12 0.08
C CYS A 117 -6.91 -14.62 0.43
N HIS A 118 -6.35 -14.10 1.51
CA HIS A 118 -4.95 -14.37 1.83
C HIS A 118 -4.77 -15.57 2.78
N GLY A 119 -5.85 -16.22 3.11
CA GLY A 119 -5.83 -17.49 3.90
C GLY A 119 -5.50 -17.36 5.40
N MET A 120 -5.88 -16.24 6.00
CA MET A 120 -5.54 -15.94 7.39
C MET A 120 -6.04 -17.00 8.38
N SER A 121 -7.21 -17.55 8.13
CA SER A 121 -7.73 -18.64 8.99
C SER A 121 -7.53 -18.34 10.51
N ASP A 122 -8.00 -17.19 10.98
CA ASP A 122 -7.72 -16.72 12.34
C ASP A 122 -8.86 -17.11 13.26
N ASN A 123 -10.01 -17.44 12.67
CA ASN A 123 -11.19 -17.74 13.46
C ASN A 123 -11.99 -18.76 12.71
N LEU A 124 -13.13 -19.16 13.23
CA LEU A 124 -13.87 -20.28 12.64
C LEU A 124 -14.46 -19.97 11.28
N ILE A 125 -14.93 -18.74 11.10
CA ILE A 125 -15.42 -18.31 9.82
C ILE A 125 -14.36 -18.44 8.68
N GLU A 126 -13.14 -18.00 9.00
CA GLU A 126 -12.02 -17.94 8.08
C GLU A 126 -11.46 -19.36 7.85
N ARG A 127 -11.49 -20.21 8.88
CA ARG A 127 -11.06 -21.58 8.72
C ARG A 127 -12.09 -22.34 7.86
N ALA A 128 -13.37 -22.18 8.18
CA ALA A 128 -14.45 -22.80 7.36
C ALA A 128 -14.27 -22.46 5.89
N ALA A 129 -14.06 -21.19 5.60
CA ALA A 129 -13.92 -20.79 4.19
C ALA A 129 -12.71 -21.42 3.53
N ASP A 130 -11.54 -21.29 4.19
CA ASP A 130 -10.29 -21.89 3.80
C ASP A 130 -10.49 -23.41 3.47
N VAL A 131 -11.32 -24.09 4.26
CA VAL A 131 -11.57 -25.50 4.07
C VAL A 131 -12.47 -25.75 2.88
N VAL A 132 -13.52 -24.94 2.73
CA VAL A 132 -14.41 -25.10 1.55
C VAL A 132 -13.55 -24.91 0.25
N ILE A 133 -12.58 -24.00 0.31
CA ILE A 133 -11.78 -23.74 -0.88
C ILE A 133 -10.85 -24.92 -1.19
N LYS A 134 -10.15 -25.40 -0.17
CA LYS A 134 -9.21 -26.49 -0.34
C LYS A 134 -9.89 -27.78 -0.73
N GLU A 135 -11.09 -28.03 -0.24
CA GLU A 135 -11.86 -29.21 -0.61
C GLU A 135 -12.64 -29.05 -1.91
N ARG A 136 -12.48 -27.90 -2.56
CA ARG A 136 -13.07 -27.60 -3.84
C ARG A 136 -14.59 -27.64 -3.78
N GLY A 137 -15.18 -27.06 -2.73
CA GLY A 137 -16.62 -26.85 -2.70
C GLY A 137 -16.96 -25.51 -3.33
N GLN A 138 -18.06 -24.95 -2.85
CA GLN A 138 -18.62 -23.72 -3.31
C GLN A 138 -18.76 -22.72 -2.21
N LEU A 139 -18.06 -21.61 -2.40
CA LEU A 139 -18.07 -20.50 -1.51
C LEU A 139 -18.66 -19.33 -2.22
N ILE A 140 -19.67 -18.69 -1.60
CA ILE A 140 -20.20 -17.48 -2.15
C ILE A 140 -20.08 -16.35 -1.18
N LEU A 141 -19.56 -15.21 -1.65
CA LEU A 141 -19.30 -14.06 -0.82
C LEU A 141 -20.19 -12.90 -1.23
N MET A 142 -21.15 -12.54 -0.38
CA MET A 142 -21.99 -11.38 -0.68
C MET A 142 -21.41 -10.10 -0.12
N VAL A 143 -20.54 -9.48 -0.91
CA VAL A 143 -19.79 -8.29 -0.50
C VAL A 143 -20.68 -7.04 -0.58
N ARG A 144 -20.64 -6.22 0.44
CA ARG A 144 -21.37 -4.99 0.46
C ARG A 144 -20.37 -3.95 0.85
N GLU A 145 -19.98 -3.15 -0.14
CA GLU A 145 -19.13 -1.99 0.04
C GLU A 145 -19.15 -1.18 -1.25
N THR A 146 -19.10 0.13 -1.11
CA THR A 146 -18.94 0.97 -2.27
C THR A 146 -18.41 2.34 -1.86
N PRO A 147 -17.59 3.00 -2.72
CA PRO A 147 -16.98 2.36 -3.83
C PRO A 147 -15.93 1.31 -3.42
N PHE A 148 -15.52 0.51 -4.38
CA PHE A 148 -14.36 -0.36 -4.19
C PHE A 148 -13.02 0.40 -4.33
N SER A 149 -12.03 -0.04 -3.57
CA SER A 149 -10.67 0.49 -3.74
C SER A 149 -9.96 -0.54 -4.66
N THR A 150 -8.76 -0.21 -5.15
CA THR A 150 -8.01 -1.11 -5.98
C THR A 150 -7.66 -2.36 -5.18
N LEU A 151 -7.34 -2.18 -3.91
CA LEU A 151 -6.97 -3.32 -3.13
C LEU A 151 -8.19 -4.27 -2.90
N HIS A 152 -9.40 -3.73 -2.64
CA HIS A 152 -10.63 -4.56 -2.72
C HIS A 152 -10.74 -5.38 -3.98
N LEU A 153 -10.49 -4.72 -5.11
CA LEU A 153 -10.61 -5.39 -6.39
C LEU A 153 -9.54 -6.49 -6.59
N GLN A 154 -8.32 -6.26 -6.11
CA GLN A 154 -7.26 -7.23 -6.15
C GLN A 154 -7.64 -8.45 -5.32
N ASN A 155 -8.19 -8.21 -4.13
CA ASN A 155 -8.58 -9.31 -3.28
C ASN A 155 -9.72 -10.19 -3.93
N MET A 156 -10.73 -9.50 -4.43
CA MET A 156 -11.84 -10.19 -5.13
C MET A 156 -11.41 -10.98 -6.36
N LEU A 157 -10.54 -10.40 -7.16
CA LEU A 157 -10.03 -11.01 -8.36
C LEU A 157 -9.35 -12.30 -8.02
N SER A 158 -8.45 -12.25 -7.04
CA SER A 158 -7.74 -13.44 -6.63
C SER A 158 -8.63 -14.64 -6.25
N LEU A 159 -9.62 -14.38 -5.41
CA LEU A 159 -10.61 -15.33 -5.05
C LEU A 159 -11.47 -15.72 -6.23
N SER A 160 -11.88 -14.78 -7.08
CA SER A 160 -12.81 -15.23 -8.19
C SER A 160 -12.01 -16.22 -9.12
N GLN A 161 -10.71 -15.95 -9.24
CA GLN A 161 -9.82 -16.71 -10.19
C GLN A 161 -9.73 -18.12 -9.59
N GLN A 162 -9.97 -18.21 -8.29
CA GLN A 162 -9.81 -19.42 -7.58
C GLN A 162 -11.12 -20.15 -7.42
N GLY A 163 -12.16 -19.70 -8.13
CA GLY A 163 -13.48 -20.33 -8.12
C GLY A 163 -14.43 -19.89 -6.99
N VAL A 164 -14.10 -18.89 -6.20
CA VAL A 164 -15.06 -18.36 -5.24
C VAL A 164 -16.00 -17.38 -5.99
N THR A 165 -17.27 -17.34 -5.64
CA THR A 165 -18.23 -16.46 -6.32
C THR A 165 -18.37 -15.15 -5.57
N ILE A 166 -17.89 -14.10 -6.18
CA ILE A 166 -17.99 -12.75 -5.66
C ILE A 166 -19.27 -12.17 -6.15
N MET A 167 -20.21 -12.02 -5.21
CA MET A 167 -21.58 -11.57 -5.48
C MET A 167 -21.89 -10.29 -4.76
N PRO A 168 -21.56 -9.16 -5.36
CA PRO A 168 -21.84 -7.99 -4.58
C PRO A 168 -23.36 -7.79 -4.37
N ALA A 169 -23.74 -7.12 -3.30
CA ALA A 169 -25.13 -6.82 -2.97
C ALA A 169 -25.55 -5.64 -3.81
N SER A 170 -25.65 -5.90 -5.11
CA SER A 170 -26.03 -4.90 -6.08
C SER A 170 -27.33 -5.33 -6.79
N PRO A 171 -28.47 -5.23 -6.13
CA PRO A 171 -29.75 -5.75 -6.70
C PRO A 171 -30.19 -5.03 -7.94
N GLY A 172 -30.90 -5.72 -8.80
CA GLY A 172 -31.43 -5.10 -10.00
C GLY A 172 -32.87 -4.64 -9.79
N PHE A 173 -33.37 -3.88 -10.78
CA PHE A 173 -34.64 -3.20 -10.72
C PHE A 173 -35.54 -3.58 -11.87
N TYR A 174 -35.20 -4.61 -12.63
CA TYR A 174 -35.90 -4.86 -13.89
C TYR A 174 -37.14 -5.72 -13.64
N HIS A 175 -37.21 -6.30 -12.48
CA HIS A 175 -38.39 -7.06 -12.10
C HIS A 175 -39.12 -5.94 -11.39
N LYS A 176 -40.42 -5.84 -11.56
CA LYS A 176 -41.11 -4.68 -10.96
C LYS A 176 -40.88 -4.64 -9.44
N VAL A 177 -40.37 -3.51 -9.00
CA VAL A 177 -39.97 -3.34 -7.60
C VAL A 177 -41.05 -2.60 -6.75
N GLU A 178 -41.79 -3.39 -5.98
CA GLU A 178 -42.89 -2.93 -5.13
C GLU A 178 -42.26 -2.26 -3.91
N THR A 179 -41.43 -3.03 -3.19
CA THR A 179 -40.88 -2.65 -1.88
C THR A 179 -39.37 -2.93 -1.75
N ILE A 180 -38.75 -2.50 -0.64
CA ILE A 180 -37.36 -2.91 -0.34
C ILE A 180 -37.26 -4.42 -0.41
N GLU A 181 -38.35 -5.12 -0.05
CA GLU A 181 -38.31 -6.58 0.06
C GLU A 181 -37.97 -7.18 -1.27
N ASP A 182 -38.41 -6.54 -2.35
CA ASP A 182 -38.16 -7.04 -3.71
C ASP A 182 -36.67 -6.98 -4.07
N LEU A 183 -35.98 -5.96 -3.58
CA LEU A 183 -34.51 -5.89 -3.66
C LEU A 183 -33.76 -6.94 -2.83
N ILE A 184 -34.17 -7.13 -1.59
CA ILE A 184 -33.68 -8.24 -0.79
C ILE A 184 -33.85 -9.59 -1.50
N ASP A 185 -35.04 -9.81 -2.05
CA ASP A 185 -35.37 -11.02 -2.71
C ASP A 185 -34.62 -11.25 -4.03
N PHE A 186 -34.36 -10.16 -4.75
CA PHE A 186 -33.43 -10.25 -5.91
C PHE A 186 -32.11 -10.92 -5.50
N MET A 187 -31.45 -10.38 -4.50
CA MET A 187 -30.15 -10.97 -4.11
C MET A 187 -30.29 -12.37 -3.58
N VAL A 188 -31.27 -12.60 -2.71
CA VAL A 188 -31.36 -13.92 -2.10
C VAL A 188 -31.71 -14.96 -3.17
N GLY A 189 -32.53 -14.59 -4.14
CA GLY A 189 -32.85 -15.51 -5.22
C GLY A 189 -31.58 -15.90 -6.02
N ARG A 190 -30.71 -14.94 -6.27
CA ARG A 190 -29.48 -15.21 -6.99
C ARG A 190 -28.64 -16.18 -6.15
N VAL A 191 -28.62 -16.02 -4.82
CA VAL A 191 -27.82 -16.93 -4.01
C VAL A 191 -28.38 -18.31 -4.13
N LEU A 192 -29.69 -18.40 -4.01
CA LEU A 192 -30.34 -19.68 -4.07
C LEU A 192 -30.12 -20.33 -5.44
N ASP A 193 -30.13 -19.54 -6.53
CA ASP A 193 -29.88 -20.11 -7.87
C ASP A 193 -28.48 -20.69 -7.93
N HIS A 194 -27.52 -19.92 -7.43
CA HIS A 194 -26.20 -20.47 -7.34
C HIS A 194 -26.03 -21.76 -6.56
N LEU A 195 -26.71 -21.85 -5.43
CA LEU A 195 -26.61 -23.04 -4.61
C LEU A 195 -27.34 -24.26 -5.23
N GLY A 196 -28.19 -24.05 -6.22
CA GLY A 196 -28.93 -25.14 -6.81
C GLY A 196 -30.24 -25.43 -6.10
N ILE A 197 -30.83 -24.44 -5.45
CA ILE A 197 -32.04 -24.68 -4.65
C ILE A 197 -33.15 -23.98 -5.34
N GLU A 198 -34.20 -24.72 -5.69
CA GLU A 198 -35.35 -24.13 -6.36
C GLU A 198 -35.92 -22.98 -5.51
N GLN A 199 -36.33 -21.90 -6.15
CA GLN A 199 -36.94 -20.78 -5.45
C GLN A 199 -37.95 -20.17 -6.37
N ASP A 200 -38.96 -19.52 -5.80
CA ASP A 200 -39.95 -18.75 -6.57
C ASP A 200 -40.03 -17.28 -6.12
N ILE A 201 -39.01 -16.80 -5.42
CA ILE A 201 -39.04 -15.43 -4.96
C ILE A 201 -38.50 -14.44 -5.99
N MET A 202 -37.75 -14.90 -6.97
CA MET A 202 -37.27 -14.02 -8.05
C MET A 202 -37.54 -14.78 -9.33
N PRO A 203 -38.53 -14.32 -10.12
CA PRO A 203 -38.94 -15.17 -11.24
C PRO A 203 -37.92 -15.23 -12.38
N ARG A 204 -38.22 -16.08 -13.35
CA ARG A 204 -37.26 -16.39 -14.40
C ARG A 204 -37.62 -15.80 -15.74
N TRP A 205 -38.35 -14.68 -15.79
CA TRP A 205 -38.75 -14.14 -17.10
C TRP A 205 -37.70 -13.15 -17.70
N GLY A 206 -36.60 -12.87 -16.97
CA GLY A 206 -35.56 -12.00 -17.51
C GLY A 206 -36.14 -10.64 -17.79
N TYR A 207 -35.71 -10.06 -18.90
CA TYR A 207 -36.04 -8.70 -19.21
C TYR A 207 -37.37 -8.61 -20.02
N ASN A 208 -38.25 -7.67 -19.65
CA ASN A 208 -39.54 -7.46 -20.38
C ASN A 208 -39.79 -6.00 -20.70
N ASN B 6 9.07 34.48 -4.78
CA ASN B 6 7.69 35.00 -4.58
C ASN B 6 7.49 36.28 -5.36
N ASP B 7 6.50 37.14 -5.04
CA ASP B 7 6.18 38.25 -5.96
C ASP B 7 5.67 37.69 -7.31
N PHE B 8 5.44 36.36 -7.38
CA PHE B 8 5.06 35.71 -8.64
C PHE B 8 3.87 34.81 -8.39
N ASN B 9 3.24 34.32 -9.45
CA ASN B 9 2.05 33.54 -9.26
C ASN B 9 2.29 32.12 -8.72
N GLY B 10 3.50 31.65 -8.89
CA GLY B 10 3.89 30.27 -8.54
C GLY B 10 5.30 30.04 -9.12
N LYS B 11 5.87 28.90 -8.73
CA LYS B 11 7.17 28.47 -9.21
C LYS B 11 7.02 27.22 -10.08
N ILE B 12 7.70 27.20 -11.22
CA ILE B 12 7.72 26.05 -12.09
C ILE B 12 9.14 25.67 -12.47
N THR B 13 9.44 24.39 -12.43
CA THR B 13 10.70 23.87 -12.89
C THR B 13 10.56 23.43 -14.32
N LEU B 14 11.43 23.96 -15.18
CA LEU B 14 11.41 23.67 -16.62
C LEU B 14 12.79 23.18 -17.10
N ALA B 15 12.81 21.96 -17.56
CA ALA B 15 14.03 21.30 -18.03
C ALA B 15 14.00 21.12 -19.51
N ILE B 16 15.07 21.58 -20.14
CA ILE B 16 15.23 21.45 -21.59
C ILE B 16 16.28 20.34 -21.87
N THR B 17 15.88 19.30 -22.61
CA THR B 17 16.83 18.17 -22.91
C THR B 17 16.98 18.01 -24.42
N GLY B 18 17.83 17.08 -24.85
CA GLY B 18 18.29 17.12 -26.18
C GLY B 18 17.36 16.34 -27.12
N ALA B 19 16.06 16.54 -27.06
CA ALA B 19 15.20 16.05 -28.13
C ALA B 19 14.91 17.19 -29.08
N SER B 20 14.49 16.83 -30.30
CA SER B 20 14.04 17.79 -31.25
C SER B 20 12.77 18.43 -30.66
N GLY B 21 12.46 19.64 -31.09
CA GLY B 21 11.32 20.35 -30.56
C GLY B 21 11.63 21.56 -29.75
N ALA B 22 12.80 22.15 -29.99
CA ALA B 22 13.25 23.29 -29.17
C ALA B 22 12.26 24.45 -29.20
N SER B 23 11.56 24.61 -30.31
CA SER B 23 10.60 25.71 -30.45
C SER B 23 9.41 25.57 -29.49
N TYR B 24 9.08 24.34 -29.06
CA TYR B 24 8.07 24.19 -28.00
C TYR B 24 8.52 24.75 -26.65
N ALA B 25 9.75 24.40 -26.24
CA ALA B 25 10.28 24.99 -25.04
C ALA B 25 10.28 26.55 -25.06
N MET B 26 10.81 27.14 -26.12
CA MET B 26 10.93 28.61 -26.21
C MET B 26 9.57 29.34 -26.11
N ARG B 27 8.53 28.77 -26.72
CA ARG B 27 7.19 29.29 -26.68
C ARG B 27 6.58 29.05 -25.30
N LEU B 28 6.86 27.88 -24.69
CA LEU B 28 6.36 27.65 -23.34
C LEU B 28 6.92 28.64 -22.30
N ILE B 29 8.22 28.90 -22.32
CA ILE B 29 8.79 29.93 -21.45
C ILE B 29 8.09 31.29 -21.71
N GLU B 30 7.94 31.67 -22.97
CA GLU B 30 7.27 32.93 -23.27
C GLU B 30 5.87 33.03 -22.60
N CYS B 31 5.03 32.02 -22.80
CA CYS B 31 3.72 32.02 -22.17
C CYS B 31 3.82 32.00 -20.65
N LEU B 32 4.72 31.20 -20.09
CA LEU B 32 4.80 31.21 -18.62
C LEU B 32 5.25 32.58 -18.06
N ILE B 33 6.15 33.23 -18.77
CA ILE B 33 6.56 34.54 -18.31
C ILE B 33 5.37 35.54 -18.40
N ALA B 34 4.67 35.56 -19.55
CA ALA B 34 3.50 36.42 -19.75
C ALA B 34 2.52 36.14 -18.62
N ALA B 35 2.43 34.89 -18.16
CA ALA B 35 1.52 34.58 -17.05
C ALA B 35 2.00 34.94 -15.67
N ASN B 36 3.19 35.55 -15.55
CA ASN B 36 3.80 35.93 -14.31
C ASN B 36 4.09 34.78 -13.31
N TYR B 37 4.60 33.69 -13.84
CA TYR B 37 5.20 32.62 -13.07
C TYR B 37 6.69 32.85 -13.03
N GLN B 38 7.29 32.35 -11.97
CA GLN B 38 8.72 32.26 -11.74
C GLN B 38 9.24 30.91 -12.20
N LEU B 39 10.30 30.92 -13.03
CA LEU B 39 10.88 29.76 -13.65
C LEU B 39 12.24 29.40 -13.11
N TYR B 40 12.41 28.13 -12.79
CA TYR B 40 13.75 27.57 -12.56
C TYR B 40 14.03 26.73 -13.77
N ILE B 41 14.99 27.14 -14.59
CA ILE B 41 15.30 26.48 -15.82
C ILE B 41 16.59 25.64 -15.70
N LEU B 42 16.49 24.40 -16.14
CA LEU B 42 17.61 23.45 -16.26
C LEU B 42 17.76 23.11 -17.71
N CYS B 43 18.98 23.07 -18.17
CA CYS B 43 19.19 22.76 -19.59
C CYS B 43 20.38 21.86 -19.74
N SER B 44 20.23 20.75 -20.46
CA SER B 44 21.33 19.82 -20.58
C SER B 44 22.25 20.27 -21.70
N SER B 45 23.43 19.68 -21.82
CA SER B 45 24.29 20.19 -22.92
C SER B 45 23.77 19.70 -24.25
N ALA B 46 23.16 18.51 -24.32
CA ALA B 46 22.55 18.13 -25.59
C ALA B 46 21.39 19.05 -25.91
N GLY B 47 20.65 19.41 -24.87
CA GLY B 47 19.70 20.49 -25.00
C GLY B 47 20.14 21.78 -25.66
N ARG B 48 21.27 22.32 -25.29
CA ARG B 48 21.76 23.54 -25.88
C ARG B 48 22.11 23.35 -27.33
N ILE B 49 22.60 22.17 -27.67
CA ILE B 49 22.96 21.87 -29.04
C ILE B 49 21.68 21.90 -29.91
N VAL B 50 20.60 21.31 -29.41
CA VAL B 50 19.40 21.29 -30.22
C VAL B 50 18.85 22.72 -30.34
N LEU B 51 18.86 23.49 -29.26
CA LEU B 51 18.36 24.88 -29.30
C LEU B 51 19.11 25.69 -30.33
N ASP B 52 20.40 25.47 -30.33
CA ASP B 52 21.32 26.21 -31.20
C ASP B 52 21.06 25.87 -32.66
N THR B 53 20.96 24.60 -32.98
CA THR B 53 20.72 24.20 -34.34
C THR B 53 19.28 24.41 -34.79
N GLU B 54 18.28 24.14 -33.97
CA GLU B 54 16.90 24.31 -34.48
C GLU B 54 16.40 25.79 -34.48
N VAL B 55 16.76 26.59 -33.49
CA VAL B 55 16.14 27.94 -33.45
C VAL B 55 17.17 29.01 -33.28
N GLY B 56 18.42 28.65 -33.32
CA GLY B 56 19.45 29.63 -33.31
C GLY B 56 19.63 30.30 -31.98
N VAL B 57 19.27 29.64 -30.87
CA VAL B 57 19.35 30.26 -29.55
C VAL B 57 20.51 29.62 -28.81
N LYS B 58 21.53 30.40 -28.47
CA LYS B 58 22.73 29.84 -27.80
C LYS B 58 22.65 30.22 -26.35
N ILE B 59 22.23 29.29 -25.51
CA ILE B 59 22.10 29.57 -24.13
C ILE B 59 23.51 29.40 -23.54
N PRO B 60 24.05 30.41 -22.86
CA PRO B 60 25.38 30.24 -22.28
C PRO B 60 25.38 29.03 -21.33
N SER B 61 26.47 28.25 -21.31
CA SER B 61 26.56 27.09 -20.43
C SER B 61 26.66 27.49 -18.94
N SER B 62 27.18 28.67 -18.68
CA SER B 62 27.30 29.09 -17.30
C SER B 62 25.97 29.67 -16.74
N PRO B 63 25.55 29.23 -15.54
CA PRO B 63 24.16 29.51 -15.04
C PRO B 63 23.83 31.02 -14.86
N ASP B 64 24.73 31.79 -14.27
CA ASP B 64 24.58 33.28 -14.20
C ASP B 64 24.42 33.93 -15.54
N ALA B 65 25.35 33.66 -16.49
CA ALA B 65 25.23 34.16 -17.82
C ALA B 65 23.87 33.67 -18.54
N ALA B 66 23.46 32.45 -18.34
CA ALA B 66 22.21 31.97 -18.93
C ALA B 66 20.95 32.70 -18.38
N SER B 67 20.89 32.85 -17.08
CA SER B 67 19.83 33.59 -16.38
C SER B 67 19.68 35.01 -16.98
N LYS B 68 20.79 35.69 -17.17
CA LYS B 68 20.79 37.02 -17.75
C LYS B 68 20.34 37.00 -19.21
N PHE B 69 20.83 36.01 -19.96
CA PHE B 69 20.56 35.87 -21.37
C PHE B 69 19.04 35.65 -21.61
N LEU B 70 18.46 34.82 -20.77
CA LEU B 70 17.06 34.49 -20.95
C LEU B 70 16.20 35.59 -20.43
N THR B 71 16.60 36.15 -19.31
CA THR B 71 15.90 37.30 -18.76
C THR B 71 15.76 38.43 -19.80
N GLU B 72 16.88 38.79 -20.43
CA GLU B 72 16.88 39.78 -21.48
C GLU B 72 16.04 39.32 -22.73
N LYS B 73 16.21 38.07 -23.13
CA LYS B 73 15.44 37.48 -24.23
C LYS B 73 13.94 37.65 -24.05
N TYR B 74 13.44 37.42 -22.87
CA TYR B 74 12.03 37.49 -22.63
C TYR B 74 11.58 38.76 -21.95
N GLN B 75 12.51 39.63 -21.56
CA GLN B 75 12.20 40.90 -20.85
C GLN B 75 11.47 40.58 -19.58
N ALA B 76 12.05 39.59 -18.89
CA ALA B 76 11.45 39.07 -17.68
C ALA B 76 11.71 39.96 -16.48
N LYS B 77 10.94 39.83 -15.40
CA LYS B 77 11.19 40.64 -14.23
C LYS B 77 12.38 40.18 -13.47
N ASP B 78 12.81 41.00 -12.53
CA ASP B 78 13.82 40.57 -11.58
C ASP B 78 13.48 39.21 -10.87
N GLN B 79 14.47 38.29 -10.89
CA GLN B 79 14.43 36.93 -10.32
C GLN B 79 13.29 36.08 -10.91
N GLN B 80 12.71 36.51 -12.00
CA GLN B 80 11.63 35.67 -12.62
C GLN B 80 12.20 34.39 -13.28
N ILE B 81 13.41 34.45 -13.86
CA ILE B 81 14.10 33.29 -14.47
C ILE B 81 15.44 33.03 -13.81
N THR B 82 15.65 31.83 -13.23
CA THR B 82 16.98 31.44 -12.77
C THR B 82 17.31 30.13 -13.43
N VAL B 83 18.43 30.11 -14.13
CA VAL B 83 18.95 28.86 -14.65
C VAL B 83 19.83 28.18 -13.62
N PHE B 84 19.72 26.86 -13.51
CA PHE B 84 20.66 26.19 -12.64
C PHE B 84 21.52 25.20 -13.43
N GLY B 85 22.73 24.98 -13.00
CA GLY B 85 23.67 24.14 -13.78
C GLY B 85 23.57 22.67 -13.43
N LYS B 86 24.27 21.84 -14.19
CA LYS B 86 24.18 20.37 -14.17
C LYS B 86 24.24 19.67 -12.82
N GLU B 87 25.09 20.14 -11.90
CA GLU B 87 25.27 19.47 -10.58
C GLU B 87 25.21 20.48 -9.47
N GLN B 88 24.32 21.47 -9.61
CA GLN B 88 24.19 22.58 -8.68
C GLN B 88 23.15 22.21 -7.61
N TRP B 89 23.61 21.37 -6.71
CA TRP B 89 22.72 20.77 -5.74
C TRP B 89 22.20 21.77 -4.76
N PHE B 90 22.91 22.88 -4.67
CA PHE B 90 22.53 24.03 -3.82
C PHE B 90 21.66 25.00 -4.63
N SER B 91 20.46 24.46 -4.91
CA SER B 91 19.39 24.85 -5.87
C SER B 91 18.10 24.32 -5.21
N PRO B 92 17.04 25.10 -5.14
CA PRO B 92 15.84 24.58 -4.46
C PRO B 92 15.15 23.39 -5.12
N VAL B 93 15.46 23.12 -6.39
CA VAL B 93 14.85 22.00 -7.07
C VAL B 93 15.37 20.63 -6.60
N ALA B 94 16.54 20.61 -5.92
CA ALA B 94 17.26 19.40 -5.61
C ALA B 94 16.77 18.72 -4.35
N SER B 95 15.90 19.37 -3.57
CA SER B 95 15.40 18.78 -2.27
C SER B 95 13.93 18.90 -2.15
N GLY B 96 13.33 17.88 -1.56
CA GLY B 96 11.90 17.81 -1.36
C GLY B 96 11.48 18.82 -0.31
N SER B 97 12.43 19.24 0.52
CA SER B 97 12.15 20.26 1.47
C SER B 97 11.89 21.57 0.77
N SER B 98 12.38 21.74 -0.44
CA SER B 98 12.35 23.06 -1.07
C SER B 98 11.80 23.17 -2.49
N ALA B 99 11.45 22.10 -3.13
CA ALA B 99 11.34 22.23 -4.55
C ALA B 99 9.96 22.65 -4.98
N PRO B 100 9.86 23.26 -6.20
CA PRO B 100 8.52 23.43 -6.87
C PRO B 100 7.81 22.13 -7.01
N LYS B 101 6.50 22.19 -6.86
CA LYS B 101 5.66 21.02 -7.04
C LYS B 101 5.27 20.79 -8.49
N GLN B 102 5.64 21.67 -9.43
CA GLN B 102 5.31 21.41 -10.82
C GLN B 102 6.60 21.46 -11.64
N MET B 103 6.76 20.49 -12.54
CA MET B 103 7.93 20.43 -13.43
C MET B 103 7.52 19.93 -14.77
N VAL B 104 8.10 20.53 -15.83
CA VAL B 104 7.90 20.13 -17.20
C VAL B 104 9.30 19.87 -17.76
N VAL B 105 9.49 18.71 -18.40
CA VAL B 105 10.59 18.48 -19.29
C VAL B 105 10.16 18.65 -20.74
N CYS B 106 10.74 19.65 -21.35
CA CYS B 106 10.29 19.96 -22.69
C CYS B 106 11.39 20.61 -23.52
N PRO B 107 11.80 19.98 -24.63
CA PRO B 107 11.50 18.65 -25.13
C PRO B 107 12.22 17.66 -24.23
N CYS B 108 11.61 16.49 -24.09
CA CYS B 108 12.16 15.43 -23.25
C CYS B 108 12.65 14.28 -24.14
N SER B 109 13.94 14.05 -24.11
CA SER B 109 14.57 12.99 -24.92
C SER B 109 14.19 11.68 -24.33
N THR B 110 14.18 10.62 -25.13
CA THR B 110 13.84 9.30 -24.55
C THR B 110 14.89 8.82 -23.48
N GLY B 111 16.09 9.34 -23.57
CA GLY B 111 17.17 9.08 -22.57
C GLY B 111 16.94 9.68 -21.22
N THR B 112 16.49 10.95 -21.18
CA THR B 112 16.10 11.54 -19.93
C THR B 112 14.82 10.93 -19.36
N MET B 113 13.85 10.58 -20.20
CA MET B 113 12.66 9.90 -19.74
C MET B 113 13.03 8.57 -19.11
N ALA B 114 13.95 7.84 -19.73
CA ALA B 114 14.40 6.58 -19.22
C ALA B 114 15.14 6.71 -17.87
N ALA B 115 15.98 7.73 -17.74
CA ALA B 115 16.70 7.89 -16.49
C ALA B 115 15.71 8.28 -15.37
N ILE B 116 14.66 9.03 -15.69
CA ILE B 116 13.65 9.39 -14.68
C ILE B 116 12.83 8.14 -14.30
N CYS B 117 12.39 7.39 -15.34
CA CYS B 117 11.66 6.15 -15.14
C CYS B 117 12.35 5.22 -14.11
N HIS B 118 13.65 5.09 -14.23
CA HIS B 118 14.38 4.08 -13.43
C HIS B 118 14.99 4.70 -12.18
N GLY B 119 14.87 6.01 -11.99
CA GLY B 119 15.37 6.61 -10.76
C GLY B 119 16.84 6.94 -10.74
N MET B 120 17.49 7.25 -11.88
CA MET B 120 18.95 7.32 -11.89
C MET B 120 19.50 8.51 -11.12
N SER B 121 18.79 9.64 -11.20
CA SER B 121 19.10 10.83 -10.42
C SER B 121 20.59 11.13 -10.45
N ASP B 122 21.11 11.28 -11.65
CA ASP B 122 22.53 11.44 -11.95
C ASP B 122 22.98 12.87 -12.14
N ASN B 123 22.05 13.81 -12.27
CA ASN B 123 22.37 15.21 -12.46
C ASN B 123 21.17 16.01 -11.90
N LEU B 124 21.18 17.34 -12.00
CA LEU B 124 20.15 18.12 -11.35
C LEU B 124 18.75 17.84 -12.04
N ILE B 125 18.74 17.64 -13.32
CA ILE B 125 17.47 17.43 -14.03
C ILE B 125 16.81 16.16 -13.50
N GLU B 126 17.59 15.06 -13.42
CA GLU B 126 17.01 13.80 -13.01
C GLU B 126 16.63 13.80 -11.54
N ARG B 127 17.47 14.38 -10.69
CA ARG B 127 17.13 14.55 -9.30
C ARG B 127 15.89 15.41 -9.07
N ALA B 128 15.75 16.49 -9.82
CA ALA B 128 14.59 17.39 -9.64
C ALA B 128 13.25 16.64 -10.00
N ALA B 129 13.32 15.84 -11.06
CA ALA B 129 12.19 14.98 -11.42
C ALA B 129 11.84 13.93 -10.35
N ASP B 130 12.88 13.30 -9.75
CA ASP B 130 12.74 12.22 -8.79
C ASP B 130 12.08 12.77 -7.49
N VAL B 131 12.47 13.99 -7.15
CA VAL B 131 11.91 14.76 -6.07
C VAL B 131 10.47 15.09 -6.29
N VAL B 132 10.14 15.64 -7.43
CA VAL B 132 8.75 15.93 -7.75
C VAL B 132 7.90 14.69 -7.68
N ILE B 133 8.43 13.59 -8.18
CA ILE B 133 7.74 12.29 -8.12
C ILE B 133 7.58 11.90 -6.68
N LYS B 134 8.63 11.95 -5.84
CA LYS B 134 8.43 11.44 -4.51
C LYS B 134 7.57 12.36 -3.65
N GLU B 135 7.56 13.65 -3.96
CA GLU B 135 6.78 14.55 -3.20
C GLU B 135 5.33 14.58 -3.68
N ARG B 136 4.99 13.79 -4.67
CA ARG B 136 3.64 13.68 -5.21
C ARG B 136 3.22 14.95 -5.90
N GLY B 137 4.16 15.65 -6.56
CA GLY B 137 3.85 16.77 -7.40
C GLY B 137 3.44 16.41 -8.81
N GLN B 138 3.53 17.36 -9.74
CA GLN B 138 3.13 17.13 -11.12
C GLN B 138 4.36 17.29 -12.07
N LEU B 139 4.69 16.19 -12.72
CA LEU B 139 5.72 16.10 -13.73
C LEU B 139 5.04 15.81 -15.05
N ILE B 140 5.33 16.66 -16.04
CA ILE B 140 4.90 16.51 -17.41
C ILE B 140 6.13 16.29 -18.29
N LEU B 141 6.10 15.27 -19.10
CA LEU B 141 7.20 14.98 -20.01
C LEU B 141 6.79 15.09 -21.45
N MET B 142 7.31 16.08 -22.19
CA MET B 142 6.95 16.21 -23.59
C MET B 142 7.93 15.49 -24.47
N VAL B 143 7.75 14.16 -24.59
CA VAL B 143 8.64 13.24 -25.30
C VAL B 143 8.51 13.52 -26.79
N ARG B 144 9.64 13.65 -27.47
CA ARG B 144 9.67 13.79 -28.91
C ARG B 144 10.57 12.67 -29.49
N GLU B 145 9.93 11.67 -30.08
CA GLU B 145 10.64 10.57 -30.72
C GLU B 145 9.60 9.76 -31.53
N THR B 146 9.99 9.28 -32.70
CA THR B 146 9.17 8.36 -33.46
C THR B 146 10.07 7.54 -34.42
N PRO B 147 9.67 6.31 -34.74
CA PRO B 147 8.69 5.56 -33.95
C PRO B 147 9.11 5.32 -32.51
N PHE B 148 8.20 4.79 -31.70
CA PHE B 148 8.60 4.24 -30.42
C PHE B 148 9.10 2.81 -30.55
N SER B 149 10.08 2.45 -29.72
CA SER B 149 10.39 1.03 -29.49
C SER B 149 9.58 0.50 -28.33
N THR B 150 9.59 -0.81 -28.20
CA THR B 150 8.96 -1.43 -27.06
C THR B 150 9.56 -0.93 -25.77
N LEU B 151 10.87 -0.89 -25.71
CA LEU B 151 11.45 -0.42 -24.46
C LEU B 151 11.06 1.06 -24.20
N HIS B 152 10.97 1.91 -25.22
CA HIS B 152 10.42 3.25 -24.88
C HIS B 152 9.07 3.21 -24.23
N LEU B 153 8.22 2.35 -24.78
CA LEU B 153 6.90 2.21 -24.29
C LEU B 153 6.84 1.62 -22.88
N GLN B 154 7.67 0.65 -22.58
CA GLN B 154 7.77 0.15 -21.22
C GLN B 154 8.13 1.27 -20.26
N ASN B 155 9.09 2.10 -20.65
CA ASN B 155 9.54 3.22 -19.76
C ASN B 155 8.43 4.29 -19.53
N MET B 156 7.74 4.63 -20.61
CA MET B 156 6.62 5.61 -20.55
C MET B 156 5.48 5.05 -19.73
N LEU B 157 5.24 3.75 -19.83
CA LEU B 157 4.12 3.08 -19.14
C LEU B 157 4.32 3.12 -17.66
N SER B 158 5.52 2.75 -17.24
CA SER B 158 5.91 2.80 -15.89
C SER B 158 5.66 4.18 -15.27
N LEU B 159 6.20 5.18 -15.92
CA LEU B 159 6.01 6.55 -15.47
C LEU B 159 4.51 6.94 -15.40
N SER B 160 3.74 6.57 -16.43
CA SER B 160 2.35 7.00 -16.51
C SER B 160 1.57 6.32 -15.39
N GLN B 161 1.87 5.05 -15.06
CA GLN B 161 1.18 4.36 -13.95
C GLN B 161 1.39 5.06 -12.64
N GLN B 162 2.53 5.76 -12.52
CA GLN B 162 2.97 6.40 -11.31
C GLN B 162 2.62 7.89 -11.27
N GLY B 163 1.71 8.31 -12.16
CA GLY B 163 1.07 9.64 -12.20
C GLY B 163 1.84 10.72 -12.98
N VAL B 164 2.89 10.33 -13.70
CA VAL B 164 3.63 11.24 -14.55
C VAL B 164 2.89 11.35 -15.82
N THR B 165 2.72 12.57 -16.30
CA THR B 165 2.01 12.81 -17.52
C THR B 165 2.92 12.71 -18.75
N ILE B 166 2.67 11.73 -19.58
CA ILE B 166 3.45 11.56 -20.80
C ILE B 166 2.71 12.22 -21.94
N MET B 167 3.28 13.31 -22.42
CA MET B 167 2.65 14.16 -23.42
C MET B 167 3.52 14.19 -24.66
N PRO B 168 3.34 13.22 -25.55
CA PRO B 168 4.14 13.28 -26.73
C PRO B 168 3.86 14.56 -27.53
N ALA B 169 4.89 14.99 -28.26
CA ALA B 169 4.82 16.20 -29.03
C ALA B 169 4.21 15.83 -30.33
N SER B 170 2.90 15.52 -30.25
CA SER B 170 2.11 15.18 -31.43
C SER B 170 1.02 16.19 -31.55
N PRO B 171 1.24 17.29 -32.27
CA PRO B 171 0.24 18.32 -32.29
C PRO B 171 -0.94 17.87 -33.21
N GLY B 172 -2.15 18.33 -32.89
CA GLY B 172 -3.34 18.12 -33.72
C GLY B 172 -3.51 19.24 -34.75
N PHE B 173 -4.45 19.06 -35.66
CA PHE B 173 -4.64 19.97 -36.80
C PHE B 173 -6.08 20.37 -36.91
N TYR B 174 -6.86 20.17 -35.86
CA TYR B 174 -8.32 20.31 -36.05
C TYR B 174 -8.80 21.72 -35.84
N HIS B 175 -7.92 22.53 -35.27
CA HIS B 175 -8.15 23.95 -35.06
C HIS B 175 -7.72 24.71 -36.35
N LYS B 176 -7.78 26.03 -36.37
CA LYS B 176 -7.13 26.82 -37.47
C LYS B 176 -5.59 26.67 -37.58
N VAL B 177 -5.13 25.89 -38.54
CA VAL B 177 -3.69 25.77 -38.73
C VAL B 177 -3.18 26.57 -39.96
N GLU B 178 -2.75 27.81 -39.75
CA GLU B 178 -2.15 28.56 -40.86
C GLU B 178 -0.64 28.37 -40.94
N THR B 179 0.00 28.30 -39.77
CA THR B 179 1.47 28.31 -39.65
C THR B 179 1.95 27.18 -38.73
N ILE B 180 3.23 26.88 -38.80
CA ILE B 180 3.90 26.06 -37.79
C ILE B 180 3.63 26.56 -36.35
N GLU B 181 3.50 27.86 -36.17
CA GLU B 181 3.27 28.44 -34.84
C GLU B 181 1.98 27.94 -34.27
N ASP B 182 1.02 27.59 -35.13
CA ASP B 182 -0.22 27.06 -34.67
C ASP B 182 -0.05 25.67 -34.06
N LEU B 183 0.83 24.86 -34.64
CA LEU B 183 1.10 23.56 -34.04
C LEU B 183 1.93 23.57 -32.72
N ILE B 184 2.89 24.49 -32.62
CA ILE B 184 3.67 24.76 -31.40
C ILE B 184 2.69 25.17 -30.27
N ASP B 185 1.84 26.14 -30.59
CA ASP B 185 0.78 26.58 -29.67
C ASP B 185 -0.21 25.49 -29.29
N PHE B 186 -0.46 24.52 -30.15
CA PHE B 186 -1.36 23.39 -29.71
C PHE B 186 -0.76 22.68 -28.47
N MET B 187 0.49 22.31 -28.58
CA MET B 187 1.19 21.54 -27.54
C MET B 187 1.41 22.43 -26.32
N VAL B 188 1.80 23.68 -26.53
CA VAL B 188 2.06 24.56 -25.37
C VAL B 188 0.72 24.85 -24.65
N GLY B 189 -0.33 25.06 -25.43
CA GLY B 189 -1.65 25.14 -24.86
C GLY B 189 -2.07 23.93 -24.03
N ARG B 190 -1.63 22.74 -24.42
CA ARG B 190 -1.98 21.54 -23.64
C ARG B 190 -1.18 21.53 -22.36
N VAL B 191 0.10 21.94 -22.41
CA VAL B 191 0.91 21.94 -21.19
C VAL B 191 0.31 22.90 -20.19
N LEU B 192 -0.07 24.09 -20.66
CA LEU B 192 -0.65 25.12 -19.80
C LEU B 192 -1.96 24.70 -19.14
N ASP B 193 -2.89 24.10 -19.90
CA ASP B 193 -4.09 23.54 -19.38
C ASP B 193 -3.75 22.54 -18.25
N HIS B 194 -2.85 21.62 -18.50
CA HIS B 194 -2.48 20.65 -17.48
C HIS B 194 -1.82 21.33 -16.26
N LEU B 195 -1.00 22.32 -16.47
CA LEU B 195 -0.45 23.09 -15.32
C LEU B 195 -1.52 23.95 -14.57
N GLY B 196 -2.75 24.03 -15.08
CA GLY B 196 -3.79 24.90 -14.43
C GLY B 196 -3.57 26.37 -14.77
N ILE B 197 -2.96 26.63 -15.92
CA ILE B 197 -2.64 28.02 -16.26
C ILE B 197 -3.54 28.49 -17.41
N GLU B 198 -4.30 29.57 -17.15
CA GLU B 198 -5.20 30.23 -18.12
C GLU B 198 -4.40 30.52 -19.38
N GLN B 199 -4.92 30.17 -20.53
CA GLN B 199 -4.24 30.46 -21.81
C GLN B 199 -5.26 30.64 -22.92
N ASP B 200 -4.91 31.47 -23.90
CA ASP B 200 -5.79 31.76 -25.03
C ASP B 200 -5.07 31.45 -26.34
N ILE B 201 -3.99 30.65 -26.31
CA ILE B 201 -3.31 30.31 -27.57
C ILE B 201 -3.95 29.15 -28.31
N MET B 202 -4.80 28.39 -27.65
CA MET B 202 -5.43 27.21 -28.21
C MET B 202 -6.89 27.29 -27.76
N PRO B 203 -7.80 27.65 -28.65
CA PRO B 203 -9.20 27.81 -28.26
C PRO B 203 -9.82 26.51 -27.70
N ARG B 204 -10.95 26.63 -27.03
CA ARG B 204 -11.63 25.50 -26.35
C ARG B 204 -12.85 24.98 -27.14
N TRP B 205 -12.86 25.14 -28.46
CA TRP B 205 -14.07 24.87 -29.27
C TRP B 205 -14.21 23.40 -29.64
N GLY B 206 -13.17 22.63 -29.41
CA GLY B 206 -13.16 21.23 -29.79
C GLY B 206 -13.33 21.13 -31.30
N TYR B 207 -14.12 20.17 -31.72
CA TYR B 207 -14.23 19.82 -33.13
C TYR B 207 -15.34 20.53 -33.97
N ASN B 208 -14.95 21.36 -34.93
CA ASN B 208 -15.88 21.86 -36.00
C ASN B 208 -15.14 21.92 -37.32
N ASP C 7 47.21 -10.29 9.32
CA ASP C 7 47.16 -9.16 10.32
C ASP C 7 45.70 -8.72 10.54
N PHE C 8 45.11 -8.18 9.47
CA PHE C 8 43.69 -7.70 9.51
C PHE C 8 42.64 -8.82 9.57
N ASN C 9 41.46 -8.51 10.07
CA ASN C 9 40.43 -9.51 10.17
C ASN C 9 39.61 -9.77 8.90
N GLY C 10 39.94 -9.15 7.78
CA GLY C 10 39.07 -9.24 6.57
C GLY C 10 39.08 -7.91 5.84
N LYS C 11 38.58 -7.93 4.62
CA LYS C 11 38.51 -6.73 3.79
C LYS C 11 37.04 -6.46 3.50
N ILE C 12 36.68 -5.21 3.60
CA ILE C 12 35.35 -4.76 3.31
C ILE C 12 35.39 -3.58 2.38
N THR C 13 34.50 -3.59 1.40
CA THR C 13 34.44 -2.48 0.49
C THR C 13 33.37 -1.50 1.04
N LEU C 14 33.70 -0.19 1.13
CA LEU C 14 32.82 0.84 1.65
C LEU C 14 32.70 1.98 0.65
N ALA C 15 31.47 2.23 0.17
CA ALA C 15 31.16 3.30 -0.74
C ALA C 15 30.32 4.35 -0.02
N ILE C 16 30.67 5.61 -0.21
CA ILE C 16 29.99 6.74 0.37
C ILE C 16 29.43 7.50 -0.80
N THR C 17 28.13 7.75 -0.82
CA THR C 17 27.51 8.41 -1.98
C THR C 17 26.78 9.64 -1.42
N GLY C 18 26.15 10.41 -2.28
CA GLY C 18 25.60 11.72 -1.92
C GLY C 18 24.21 11.67 -1.32
N ALA C 19 24.02 10.85 -0.33
CA ALA C 19 22.83 10.92 0.42
C ALA C 19 23.18 11.60 1.68
N SER C 20 22.14 12.16 2.32
CA SER C 20 22.30 12.69 3.65
C SER C 20 22.46 11.50 4.61
N GLY C 21 23.16 11.77 5.69
CA GLY C 21 23.60 10.74 6.57
C GLY C 21 25.09 10.53 6.63
N ALA C 22 25.90 11.54 6.33
CA ALA C 22 27.35 11.43 6.46
C ALA C 22 27.89 10.81 7.78
N SER C 23 27.38 11.27 8.92
CA SER C 23 27.80 10.77 10.22
C SER C 23 27.72 9.28 10.33
N TYR C 24 26.73 8.60 9.72
CA TYR C 24 26.70 7.16 9.70
C TYR C 24 27.97 6.56 9.12
N ALA C 25 28.39 7.08 7.97
CA ALA C 25 29.47 6.54 7.27
C ALA C 25 30.77 6.78 8.09
N MET C 26 30.88 7.94 8.71
CA MET C 26 32.10 8.28 9.48
C MET C 26 32.27 7.38 10.71
N ARG C 27 31.18 7.17 11.43
CA ARG C 27 31.13 6.27 12.52
C ARG C 27 31.32 4.77 12.11
N LEU C 28 30.78 4.33 10.96
CA LEU C 28 30.98 2.95 10.52
C LEU C 28 32.45 2.67 10.30
N ILE C 29 33.15 3.60 9.68
CA ILE C 29 34.56 3.46 9.43
C ILE C 29 35.35 3.44 10.71
N GLU C 30 35.01 4.34 11.60
CA GLU C 30 35.61 4.32 12.99
C GLU C 30 35.47 2.89 13.60
N CYS C 31 34.26 2.30 13.58
CA CYS C 31 34.04 0.98 14.23
C CYS C 31 34.75 -0.17 13.49
N LEU C 32 34.77 -0.11 12.16
CA LEU C 32 35.48 -1.12 11.38
C LEU C 32 37.01 -1.10 11.57
N ILE C 33 37.57 0.09 11.59
CA ILE C 33 39.00 0.27 11.92
C ILE C 33 39.34 -0.24 13.31
N ALA C 34 38.56 0.15 14.30
CA ALA C 34 38.69 -0.40 15.65
C ALA C 34 38.53 -1.93 15.72
N ALA C 35 37.62 -2.54 14.94
CA ALA C 35 37.49 -3.99 14.85
C ALA C 35 38.62 -4.63 14.02
N ASN C 36 39.52 -3.80 13.50
CA ASN C 36 40.69 -4.25 12.81
C ASN C 36 40.42 -4.86 11.45
N TYR C 37 39.45 -4.33 10.71
CA TYR C 37 39.28 -4.59 9.29
C TYR C 37 40.04 -3.64 8.38
N GLN C 38 40.38 -4.18 7.21
CA GLN C 38 40.97 -3.49 6.09
C GLN C 38 39.87 -3.01 5.19
N LEU C 39 39.95 -1.74 4.78
CA LEU C 39 38.86 -1.08 4.12
C LEU C 39 39.32 -0.61 2.79
N TYR C 40 38.47 -0.87 1.80
CA TYR C 40 38.68 -0.30 0.52
C TYR C 40 37.56 0.70 0.42
N ILE C 41 37.90 1.96 0.30
CA ILE C 41 36.89 3.04 0.32
C ILE C 41 36.76 3.75 -1.02
N LEU C 42 35.49 3.88 -1.44
CA LEU C 42 35.10 4.55 -2.69
C LEU C 42 34.22 5.70 -2.30
N CYS C 43 34.33 6.84 -2.93
CA CYS C 43 33.49 8.00 -2.51
C CYS C 43 33.05 8.67 -3.76
N SER C 44 31.76 8.97 -3.94
CA SER C 44 31.34 9.62 -5.19
C SER C 44 31.58 11.16 -5.09
N SER C 45 31.53 11.89 -6.19
CA SER C 45 31.73 13.36 -6.12
C SER C 45 30.61 14.01 -5.30
N ALA C 46 29.35 13.57 -5.44
CA ALA C 46 28.30 14.05 -4.57
C ALA C 46 28.48 13.66 -3.10
N GLY C 47 28.93 12.43 -2.86
CA GLY C 47 29.34 12.01 -1.52
C GLY C 47 30.32 12.93 -0.79
N ARG C 48 31.31 13.38 -1.52
CA ARG C 48 32.33 14.38 -1.02
C ARG C 48 31.66 15.69 -0.62
N ILE C 49 30.66 16.09 -1.43
CA ILE C 49 29.92 17.33 -1.17
C ILE C 49 29.13 17.22 0.08
N VAL C 50 28.46 16.08 0.27
CA VAL C 50 27.68 15.85 1.48
C VAL C 50 28.56 15.76 2.73
N LEU C 51 29.62 14.99 2.68
CA LEU C 51 30.56 14.94 3.82
C LEU C 51 31.06 16.34 4.24
N ASP C 52 31.36 17.18 3.27
CA ASP C 52 31.84 18.50 3.61
C ASP C 52 30.77 19.35 4.32
N THR C 53 29.56 19.37 3.76
CA THR C 53 28.47 20.21 4.30
C THR C 53 28.02 19.71 5.63
N GLU C 54 27.85 18.40 5.76
CA GLU C 54 27.20 17.89 6.94
C GLU C 54 28.15 17.71 8.13
N VAL C 55 29.36 17.21 7.90
CA VAL C 55 30.27 16.91 9.02
C VAL C 55 31.60 17.68 8.93
N GLY C 56 31.75 18.54 7.93
CA GLY C 56 32.99 19.34 7.72
C GLY C 56 34.17 18.47 7.33
N VAL C 57 33.91 17.33 6.71
CA VAL C 57 35.01 16.44 6.33
C VAL C 57 35.32 16.57 4.85
N LYS C 58 36.53 16.97 4.51
CA LYS C 58 36.87 17.18 3.13
C LYS C 58 37.85 16.11 2.64
N ILE C 59 37.33 15.16 1.85
CA ILE C 59 38.13 14.05 1.37
C ILE C 59 38.76 14.50 0.08
N PRO C 60 40.07 14.61 0.05
CA PRO C 60 40.72 15.02 -1.18
C PRO C 60 40.28 14.18 -2.39
N SER C 61 40.25 14.76 -3.57
CA SER C 61 39.77 14.02 -4.78
C SER C 61 40.77 13.02 -5.39
N SER C 62 42.06 13.15 -5.07
CA SER C 62 43.06 12.25 -5.60
C SER C 62 43.10 10.98 -4.71
N PRO C 63 43.06 9.76 -5.29
CA PRO C 63 43.04 8.56 -4.40
C PRO C 63 44.18 8.53 -3.36
N ASP C 64 45.42 8.73 -3.78
CA ASP C 64 46.57 8.75 -2.82
C ASP C 64 46.43 9.72 -1.62
N ALA C 65 46.10 10.96 -1.95
CA ALA C 65 45.89 11.95 -0.90
C ALA C 65 44.69 11.55 -0.03
N ALA C 66 43.64 10.96 -0.63
CA ALA C 66 42.50 10.59 0.12
C ALA C 66 42.83 9.48 1.08
N SER C 67 43.57 8.50 0.61
CA SER C 67 43.97 7.40 1.49
C SER C 67 44.76 7.91 2.71
N LYS C 68 45.68 8.81 2.45
CA LYS C 68 46.49 9.37 3.56
C LYS C 68 45.58 10.21 4.52
N PHE C 69 44.73 11.06 3.94
CA PHE C 69 43.75 11.81 4.73
C PHE C 69 42.96 10.91 5.63
N LEU C 70 42.38 9.83 5.08
CA LEU C 70 41.51 9.02 5.95
C LEU C 70 42.36 8.27 6.99
N THR C 71 43.48 7.75 6.55
CA THR C 71 44.36 7.00 7.47
C THR C 71 44.73 7.84 8.72
N GLU C 72 45.00 9.14 8.51
CA GLU C 72 45.31 10.12 9.62
C GLU C 72 44.06 10.41 10.45
N LYS C 73 42.92 10.56 9.77
CA LYS C 73 41.71 10.86 10.50
C LYS C 73 41.42 9.77 11.43
N TYR C 74 41.69 8.54 11.00
CA TYR C 74 41.35 7.40 11.87
C TYR C 74 42.51 6.79 12.61
N GLN C 75 43.67 7.41 12.53
CA GLN C 75 44.94 6.81 13.07
C GLN C 75 45.03 5.33 12.76
N ALA C 76 44.78 5.00 11.50
CA ALA C 76 44.71 3.62 11.08
C ALA C 76 46.10 3.10 10.82
N LYS C 77 46.20 1.77 10.79
CA LYS C 77 47.49 1.08 10.56
C LYS C 77 47.85 1.12 9.11
N ASP C 78 49.12 0.80 8.85
CA ASP C 78 49.65 0.68 7.49
C ASP C 78 48.73 -0.19 6.62
N GLN C 79 48.38 0.29 5.43
CA GLN C 79 47.54 -0.50 4.49
C GLN C 79 46.08 -0.64 4.91
N GLN C 80 45.68 -0.11 6.04
CA GLN C 80 44.37 -0.43 6.56
C GLN C 80 43.23 0.21 5.74
N ILE C 81 43.49 1.42 5.24
CA ILE C 81 42.53 2.12 4.39
C ILE C 81 43.16 2.42 3.08
N THR C 82 42.45 2.09 1.99
CA THR C 82 42.86 2.49 0.67
C THR C 82 41.65 3.08 -0.01
N VAL C 83 41.80 4.25 -0.62
CA VAL C 83 40.74 4.85 -1.37
C VAL C 83 41.04 4.59 -2.84
N PHE C 84 40.00 4.29 -3.59
CA PHE C 84 40.13 4.15 -5.03
C PHE C 84 39.26 5.10 -5.75
N GLY C 85 39.79 5.63 -6.84
CA GLY C 85 39.08 6.65 -7.56
C GLY C 85 37.94 6.10 -8.43
N LYS C 86 37.29 7.05 -9.06
CA LYS C 86 35.94 6.97 -9.53
C LYS C 86 35.91 6.04 -10.72
N GLU C 87 37.05 5.93 -11.44
CA GLU C 87 37.20 4.99 -12.52
C GLU C 87 38.52 4.17 -12.45
N GLN C 88 38.95 3.77 -11.25
CA GLN C 88 40.23 3.08 -11.09
C GLN C 88 40.03 1.55 -11.22
N TRP C 89 40.01 1.08 -12.46
CA TRP C 89 39.64 -0.31 -12.74
C TRP C 89 40.73 -1.30 -12.27
N PHE C 90 41.96 -0.83 -12.06
CA PHE C 90 43.00 -1.65 -11.49
C PHE C 90 42.66 -2.12 -10.07
N SER C 91 41.76 -1.43 -9.40
CA SER C 91 41.47 -1.76 -8.04
C SER C 91 40.97 -3.24 -7.87
N PRO C 92 41.23 -3.86 -6.71
CA PRO C 92 40.72 -5.22 -6.49
C PRO C 92 39.20 -5.32 -6.61
N VAL C 93 38.51 -4.20 -6.38
CA VAL C 93 37.06 -4.27 -6.25
C VAL C 93 36.41 -4.45 -7.61
N ALA C 94 37.17 -4.24 -8.68
CA ALA C 94 36.62 -4.20 -10.04
C ALA C 94 36.36 -5.52 -10.70
N SER C 95 36.90 -6.59 -10.11
CA SER C 95 36.93 -7.94 -10.69
C SER C 95 36.47 -8.97 -9.69
N GLY C 96 35.61 -9.88 -10.13
CA GLY C 96 35.21 -10.96 -9.31
C GLY C 96 36.37 -11.91 -8.98
N SER C 97 37.42 -11.86 -9.78
CA SER C 97 38.63 -12.66 -9.45
C SER C 97 39.36 -12.12 -8.23
N SER C 98 39.11 -10.88 -7.80
CA SER C 98 39.91 -10.27 -6.69
C SER C 98 39.10 -9.58 -5.64
N ALA C 99 37.77 -9.42 -5.79
CA ALA C 99 37.08 -8.44 -4.90
C ALA C 99 36.68 -9.03 -3.59
N PRO C 100 36.75 -8.24 -2.50
CA PRO C 100 36.12 -8.70 -1.25
C PRO C 100 34.65 -9.04 -1.42
N LYS C 101 34.17 -9.81 -0.48
CA LYS C 101 32.88 -10.43 -0.56
C LYS C 101 31.84 -9.67 0.24
N GLN C 102 32.29 -8.64 0.95
CA GLN C 102 31.39 -7.77 1.63
C GLN C 102 31.55 -6.36 1.18
N MET C 103 30.40 -5.73 0.92
CA MET C 103 30.33 -4.35 0.55
C MET C 103 29.15 -3.62 1.22
N VAL C 104 29.44 -2.40 1.69
CA VAL C 104 28.40 -1.49 2.23
C VAL C 104 28.37 -0.19 1.46
N VAL C 105 27.18 0.23 1.05
CA VAL C 105 26.99 1.58 0.52
C VAL C 105 26.32 2.43 1.61
N CYS C 106 27.09 3.38 2.15
CA CYS C 106 26.61 4.20 3.26
C CYS C 106 27.25 5.58 3.29
N PRO C 107 26.41 6.62 3.21
CA PRO C 107 25.00 6.44 2.88
C PRO C 107 24.82 6.18 1.39
N CYS C 108 23.64 5.70 1.00
CA CYS C 108 23.39 5.27 -0.31
C CYS C 108 22.24 6.13 -0.86
N SER C 109 22.54 6.89 -1.89
CA SER C 109 21.49 7.70 -2.52
C SER C 109 20.50 6.79 -3.32
N THR C 110 19.29 7.26 -3.59
CA THR C 110 18.33 6.51 -4.40
C THR C 110 18.84 6.40 -5.84
N GLY C 111 19.64 7.35 -6.30
CA GLY C 111 20.32 7.33 -7.60
C GLY C 111 21.36 6.23 -7.78
N THR C 112 22.22 6.10 -6.79
CA THR C 112 23.13 4.93 -6.71
C THR C 112 22.40 3.60 -6.50
N MET C 113 21.44 3.54 -5.62
CA MET C 113 20.60 2.38 -5.47
C MET C 113 19.95 1.95 -6.82
N ALA C 114 19.46 2.90 -7.55
CA ALA C 114 18.83 2.69 -8.83
C ALA C 114 19.88 2.15 -9.83
N ALA C 115 21.06 2.76 -9.83
CA ALA C 115 22.07 2.34 -10.78
C ALA C 115 22.45 0.84 -10.58
N ILE C 116 22.69 0.46 -9.33
CA ILE C 116 23.03 -0.91 -8.93
C ILE C 116 21.84 -1.86 -9.25
N CYS C 117 20.66 -1.49 -8.85
CA CYS C 117 19.42 -2.26 -9.20
C CYS C 117 19.42 -2.69 -10.68
N HIS C 118 19.68 -1.73 -11.56
CA HIS C 118 19.59 -2.00 -12.98
C HIS C 118 20.88 -2.44 -13.67
N GLY C 119 21.98 -2.53 -12.92
CA GLY C 119 23.30 -2.89 -13.40
C GLY C 119 24.05 -1.91 -14.27
N MET C 120 23.90 -0.59 -14.07
CA MET C 120 24.55 0.38 -14.94
C MET C 120 26.07 0.29 -14.87
N SER C 121 26.61 -0.08 -13.75
CA SER C 121 28.08 -0.27 -13.72
C SER C 121 28.88 0.80 -14.50
N ASP C 122 28.61 2.07 -14.23
CA ASP C 122 29.16 3.20 -14.97
C ASP C 122 30.39 3.79 -14.25
N ASN C 123 30.59 3.44 -13.00
CA ASN C 123 31.78 3.88 -12.21
C ASN C 123 32.21 2.73 -11.31
N LEU C 124 33.24 2.98 -10.50
CA LEU C 124 33.83 1.95 -9.74
C LEU C 124 32.89 1.51 -8.65
N ILE C 125 32.11 2.44 -8.06
CA ILE C 125 31.21 2.05 -7.03
C ILE C 125 30.13 1.10 -7.60
N GLU C 126 29.59 1.42 -8.76
CA GLU C 126 28.49 0.59 -9.36
C GLU C 126 29.08 -0.72 -9.90
N ARG C 127 30.32 -0.69 -10.38
CA ARG C 127 30.95 -1.92 -10.86
C ARG C 127 31.22 -2.82 -9.66
N ALA C 128 31.82 -2.31 -8.60
CA ALA C 128 32.01 -3.08 -7.37
C ALA C 128 30.76 -3.75 -6.81
N ALA C 129 29.67 -3.01 -6.75
CA ALA C 129 28.38 -3.54 -6.32
C ALA C 129 27.93 -4.63 -7.26
N ASP C 130 28.11 -4.45 -8.57
CA ASP C 130 27.64 -5.39 -9.55
C ASP C 130 28.45 -6.75 -9.42
N VAL C 131 29.72 -6.60 -9.06
CA VAL C 131 30.59 -7.72 -8.81
C VAL C 131 30.20 -8.48 -7.56
N VAL C 132 29.93 -7.81 -6.46
CA VAL C 132 29.58 -8.47 -5.25
C VAL C 132 28.30 -9.26 -5.46
N ILE C 133 27.38 -8.73 -6.26
CA ILE C 133 26.12 -9.36 -6.53
C ILE C 133 26.37 -10.57 -7.38
N LYS C 134 27.14 -10.46 -8.46
CA LYS C 134 27.40 -11.65 -9.27
C LYS C 134 28.15 -12.79 -8.61
N GLU C 135 29.16 -12.46 -7.82
CA GLU C 135 29.89 -13.46 -7.02
C GLU C 135 29.07 -13.98 -5.79
N ARG C 136 27.81 -13.59 -5.64
CA ARG C 136 26.97 -14.04 -4.51
C ARG C 136 27.62 -13.70 -3.21
N GLY C 137 28.13 -12.47 -3.10
CA GLY C 137 28.53 -11.98 -1.78
C GLY C 137 27.47 -11.22 -0.96
N GLN C 138 27.94 -10.36 -0.08
CA GLN C 138 27.05 -9.55 0.73
C GLN C 138 27.11 -8.07 0.44
N LEU C 139 26.03 -7.57 -0.13
CA LEU C 139 25.86 -6.11 -0.34
C LEU C 139 24.78 -5.53 0.60
N ILE C 140 25.16 -4.51 1.34
CA ILE C 140 24.26 -3.74 2.18
C ILE C 140 24.17 -2.30 1.71
N LEU C 141 22.95 -1.80 1.50
CA LEU C 141 22.71 -0.43 1.08
C LEU C 141 21.98 0.37 2.15
N MET C 142 22.63 1.37 2.74
CA MET C 142 21.98 2.12 3.76
C MET C 142 21.34 3.36 3.15
N VAL C 143 20.10 3.19 2.68
CA VAL C 143 19.41 4.18 1.89
C VAL C 143 18.85 5.27 2.79
N ARG C 144 19.01 6.53 2.38
CA ARG C 144 18.47 7.66 3.11
C ARG C 144 17.63 8.50 2.21
N GLU C 145 16.32 8.38 2.36
CA GLU C 145 15.37 9.17 1.63
C GLU C 145 13.99 9.04 2.23
N THR C 146 13.15 10.05 2.06
CA THR C 146 11.79 10.00 2.57
C THR C 146 11.03 11.26 2.03
N PRO C 147 9.79 11.08 1.51
CA PRO C 147 9.22 9.73 1.47
C PRO C 147 9.79 8.94 0.31
N PHE C 148 9.41 7.68 0.23
CA PHE C 148 9.84 6.90 -0.92
C PHE C 148 8.75 7.12 -2.01
N SER C 149 9.16 7.07 -3.28
CA SER C 149 8.20 6.95 -4.37
C SER C 149 8.00 5.49 -4.70
N THR C 150 7.03 5.19 -5.53
CA THR C 150 6.80 3.87 -5.99
C THR C 150 7.96 3.32 -6.76
N LEU C 151 8.58 4.19 -7.58
CA LEU C 151 9.79 3.75 -8.30
C LEU C 151 10.95 3.47 -7.40
N HIS C 152 11.16 4.23 -6.31
CA HIS C 152 12.18 3.86 -5.32
C HIS C 152 11.90 2.45 -4.78
N LEU C 153 10.61 2.16 -4.55
CA LEU C 153 10.20 0.92 -3.93
C LEU C 153 10.39 -0.23 -4.89
N GLN C 154 10.07 -0.03 -6.16
CA GLN C 154 10.30 -1.06 -7.19
C GLN C 154 11.79 -1.43 -7.28
N ASN C 155 12.62 -0.38 -7.30
CA ASN C 155 14.07 -0.60 -7.28
C ASN C 155 14.60 -1.33 -6.03
N MET C 156 14.18 -0.92 -4.85
CA MET C 156 14.50 -1.66 -3.63
C MET C 156 14.01 -3.10 -3.61
N LEU C 157 12.79 -3.33 -4.14
CA LEU C 157 12.19 -4.62 -4.12
C LEU C 157 13.04 -5.58 -4.91
N SER C 158 13.40 -5.16 -6.13
CA SER C 158 14.21 -5.96 -7.07
C SER C 158 15.53 -6.40 -6.44
N LEU C 159 16.26 -5.42 -5.86
CA LEU C 159 17.51 -5.72 -5.15
C LEU C 159 17.33 -6.67 -3.99
N SER C 160 16.29 -6.46 -3.20
CA SER C 160 16.06 -7.29 -2.03
C SER C 160 15.71 -8.70 -2.48
N GLN C 161 14.87 -8.86 -3.50
CA GLN C 161 14.60 -10.18 -3.99
C GLN C 161 15.90 -10.92 -4.40
N GLN C 162 16.93 -10.19 -4.87
CA GLN C 162 18.15 -10.79 -5.32
C GLN C 162 19.19 -10.87 -4.17
N GLY C 163 18.73 -10.76 -2.94
CA GLY C 163 19.66 -11.00 -1.78
C GLY C 163 20.46 -9.80 -1.29
N VAL C 164 20.20 -8.63 -1.85
CA VAL C 164 20.75 -7.41 -1.39
C VAL C 164 19.98 -6.94 -0.18
N THR C 165 20.70 -6.45 0.81
CA THR C 165 20.10 -6.01 2.01
C THR C 165 19.79 -4.50 1.96
N ILE C 166 18.52 -4.19 1.91
CA ILE C 166 18.07 -2.77 1.94
C ILE C 166 17.90 -2.37 3.38
N MET C 167 18.78 -1.51 3.90
CA MET C 167 18.71 -1.06 5.27
C MET C 167 18.42 0.43 5.38
N PRO C 168 17.16 0.84 5.41
CA PRO C 168 16.97 2.31 5.46
C PRO C 168 17.56 2.91 6.75
N ALA C 169 18.10 4.13 6.68
CA ALA C 169 18.60 4.89 7.83
C ALA C 169 17.45 5.38 8.71
N SER C 170 16.79 4.43 9.40
CA SER C 170 15.60 4.63 10.20
C SER C 170 15.84 4.11 11.59
N PRO C 171 16.63 4.83 12.39
CA PRO C 171 16.96 4.27 13.68
C PRO C 171 15.77 4.25 14.61
N GLY C 172 15.82 3.30 15.53
CA GLY C 172 14.84 3.09 16.54
C GLY C 172 15.21 3.89 17.79
N PHE C 173 14.28 3.97 18.74
CA PHE C 173 14.39 4.80 19.90
C PHE C 173 14.18 3.98 21.18
N TYR C 174 14.02 2.67 21.06
CA TYR C 174 13.57 1.83 22.19
C TYR C 174 14.68 1.51 23.21
N HIS C 175 15.92 1.82 22.88
CA HIS C 175 17.01 1.73 23.85
C HIS C 175 17.09 3.19 24.34
N LYS C 176 17.70 3.43 25.48
CA LYS C 176 17.68 4.80 26.06
C LYS C 176 18.46 5.71 25.11
N VAL C 177 17.73 6.60 24.45
CA VAL C 177 18.30 7.52 23.48
C VAL C 177 18.56 8.87 24.17
N GLU C 178 19.82 9.15 24.44
CA GLU C 178 20.14 10.35 25.17
C GLU C 178 20.90 11.38 24.31
N THR C 179 21.25 11.03 23.05
CA THR C 179 21.86 11.98 22.11
C THR C 179 21.82 11.49 20.65
N ILE C 180 22.16 12.33 19.69
CA ILE C 180 22.22 11.97 18.24
C ILE C 180 23.16 10.79 17.98
N GLU C 181 24.30 10.77 18.65
CA GLU C 181 25.23 9.65 18.62
C GLU C 181 24.58 8.30 18.80
N ASP C 182 23.59 8.19 19.70
CA ASP C 182 23.00 6.89 20.03
C ASP C 182 22.13 6.41 18.85
N LEU C 183 21.56 7.38 18.12
CA LEU C 183 20.81 7.10 16.90
C LEU C 183 21.75 6.66 15.79
N ILE C 184 22.91 7.32 15.69
CA ILE C 184 23.93 6.96 14.72
C ILE C 184 24.39 5.53 15.02
N ASP C 185 24.57 5.21 16.30
CA ASP C 185 25.11 3.91 16.70
C ASP C 185 24.10 2.79 16.55
N PHE C 186 22.82 3.10 16.65
CA PHE C 186 21.75 2.16 16.31
C PHE C 186 21.95 1.64 14.89
N MET C 187 22.05 2.53 13.96
CA MET C 187 22.29 2.06 12.59
C MET C 187 23.61 1.39 12.36
N VAL C 188 24.69 1.91 12.93
CA VAL C 188 25.96 1.34 12.68
C VAL C 188 26.03 -0.02 13.29
N GLY C 189 25.44 -0.19 14.46
CA GLY C 189 25.43 -1.49 15.11
C GLY C 189 24.66 -2.54 14.32
N ARG C 190 23.60 -2.12 13.67
CA ARG C 190 22.91 -3.05 12.78
C ARG C 190 23.78 -3.44 11.54
N VAL C 191 24.50 -2.51 10.95
CA VAL C 191 25.34 -2.87 9.82
C VAL C 191 26.36 -3.90 10.31
N LEU C 192 26.91 -3.66 11.49
CA LEU C 192 27.96 -4.48 11.98
C LEU C 192 27.44 -5.85 12.34
N ASP C 193 26.23 -5.92 12.87
CA ASP C 193 25.65 -7.26 13.18
C ASP C 193 25.52 -8.01 11.84
N HIS C 194 25.04 -7.32 10.81
CA HIS C 194 24.89 -7.97 9.48
C HIS C 194 26.21 -8.42 8.83
N LEU C 195 27.23 -7.60 8.96
CA LEU C 195 28.56 -8.01 8.55
C LEU C 195 29.18 -9.20 9.31
N GLY C 196 28.61 -9.56 10.46
CA GLY C 196 29.11 -10.64 11.30
C GLY C 196 30.29 -10.20 12.17
N ILE C 197 30.29 -8.93 12.58
CA ILE C 197 31.34 -8.31 13.34
C ILE C 197 30.88 -7.94 14.77
N GLU C 198 31.60 -8.48 15.76
CA GLU C 198 31.28 -8.18 17.17
C GLU C 198 31.28 -6.69 17.39
N GLN C 199 30.24 -6.19 18.01
CA GLN C 199 30.10 -4.75 18.27
C GLN C 199 29.50 -4.66 19.66
N ASP C 200 29.82 -3.62 20.42
CA ASP C 200 29.19 -3.42 21.74
C ASP C 200 28.54 -2.03 21.79
N ILE C 201 28.27 -1.46 20.62
CA ILE C 201 27.66 -0.11 20.58
C ILE C 201 26.14 -0.08 20.62
N MET C 202 25.53 -1.26 20.53
CA MET C 202 24.10 -1.39 20.54
C MET C 202 23.87 -2.70 21.25
N PRO C 203 23.37 -2.61 22.49
CA PRO C 203 23.05 -3.76 23.31
C PRO C 203 22.07 -4.78 22.65
N ARG C 204 22.10 -6.01 23.14
CA ARG C 204 21.16 -7.06 22.72
C ARG C 204 20.01 -7.22 23.70
N TRP C 205 19.63 -6.18 24.45
CA TRP C 205 18.52 -6.28 25.42
C TRP C 205 17.16 -6.54 24.74
N GLY C 206 17.05 -6.21 23.46
CA GLY C 206 15.76 -6.17 22.82
C GLY C 206 14.92 -5.09 23.50
N TYR C 207 13.63 -5.38 23.55
CA TYR C 207 12.69 -4.51 24.21
C TYR C 207 12.67 -4.79 25.72
N ASP D 7 -25.89 30.78 -15.60
CA ASP D 7 -24.46 30.45 -15.37
C ASP D 7 -24.30 29.62 -14.06
N PHE D 8 -23.68 28.46 -14.20
CA PHE D 8 -23.83 27.38 -13.26
C PHE D 8 -22.57 27.17 -12.44
N ASN D 9 -22.61 26.27 -11.45
CA ASN D 9 -21.45 25.95 -10.67
C ASN D 9 -20.35 25.14 -11.42
N GLY D 10 -20.67 24.43 -12.49
CA GLY D 10 -19.62 23.69 -13.24
C GLY D 10 -20.32 22.82 -14.21
N LYS D 11 -19.54 22.08 -15.00
CA LYS D 11 -20.09 21.17 -15.94
C LYS D 11 -19.66 19.74 -15.59
N ILE D 12 -20.61 18.85 -15.77
CA ILE D 12 -20.39 17.45 -15.55
C ILE D 12 -20.90 16.71 -16.76
N THR D 13 -20.20 15.64 -17.13
CA THR D 13 -20.70 14.77 -18.16
C THR D 13 -21.36 13.60 -17.49
N LEU D 14 -22.53 13.19 -17.97
CA LEU D 14 -23.19 12.06 -17.43
C LEU D 14 -23.69 11.16 -18.49
N ALA D 15 -23.32 9.89 -18.45
CA ALA D 15 -23.77 8.96 -19.49
C ALA D 15 -24.60 7.97 -18.82
N ILE D 16 -25.71 7.63 -19.48
CA ILE D 16 -26.64 6.63 -19.02
C ILE D 16 -26.49 5.41 -19.91
N THR D 17 -26.18 4.25 -19.37
CA THR D 17 -26.01 3.04 -20.22
C THR D 17 -27.00 1.95 -19.81
N GLY D 18 -26.99 0.83 -20.53
CA GLY D 18 -28.03 -0.17 -20.39
C GLY D 18 -27.85 -1.12 -19.23
N ALA D 19 -27.48 -0.63 -18.05
CA ALA D 19 -27.56 -1.43 -16.87
C ALA D 19 -28.88 -1.11 -16.13
N SER D 20 -29.29 -2.04 -15.28
CA SER D 20 -30.47 -1.84 -14.44
C SER D 20 -30.04 -0.86 -13.38
N GLY D 21 -30.95 0.02 -12.99
CA GLY D 21 -30.60 1.09 -12.06
C GLY D 21 -30.95 2.45 -12.58
N ALA D 22 -31.99 2.51 -13.37
CA ALA D 22 -32.34 3.75 -14.08
C ALA D 22 -32.70 4.78 -13.04
N SER D 23 -33.30 4.29 -11.95
CA SER D 23 -33.65 5.13 -10.80
C SER D 23 -32.47 5.94 -10.28
N TYR D 24 -31.30 5.33 -10.18
CA TYR D 24 -30.17 6.08 -9.67
C TYR D 24 -29.83 7.22 -10.61
N ALA D 25 -29.83 6.99 -11.93
CA ALA D 25 -29.54 8.04 -12.89
C ALA D 25 -30.54 9.22 -12.79
N MET D 26 -31.84 8.92 -12.74
CA MET D 26 -32.86 9.95 -12.73
C MET D 26 -32.70 10.85 -11.52
N ARG D 27 -32.33 10.26 -10.39
CA ARG D 27 -32.20 10.99 -9.16
C ARG D 27 -30.88 11.77 -9.11
N LEU D 28 -29.78 11.24 -9.66
CA LEU D 28 -28.54 12.01 -9.72
C LEU D 28 -28.80 13.31 -10.49
N ILE D 29 -29.58 13.20 -11.54
CA ILE D 29 -29.88 14.33 -12.44
C ILE D 29 -30.69 15.35 -11.70
N GLU D 30 -31.69 14.91 -10.98
CA GLU D 30 -32.47 15.79 -10.14
C GLU D 30 -31.54 16.54 -9.18
N CYS D 31 -30.68 15.82 -8.49
CA CYS D 31 -29.84 16.50 -7.51
C CYS D 31 -28.83 17.40 -8.17
N LEU D 32 -28.29 17.02 -9.32
CA LEU D 32 -27.31 17.88 -9.89
C LEU D 32 -27.99 19.17 -10.39
N ILE D 33 -29.20 19.08 -10.91
CA ILE D 33 -29.93 20.25 -11.35
C ILE D 33 -30.20 21.20 -10.19
N ALA D 34 -30.74 20.69 -9.10
CA ALA D 34 -30.95 21.50 -7.88
C ALA D 34 -29.64 22.06 -7.28
N ALA D 35 -28.50 21.46 -7.61
CA ALA D 35 -27.18 21.92 -7.12
C ALA D 35 -26.59 22.94 -8.07
N ASN D 36 -27.32 23.18 -9.15
CA ASN D 36 -27.06 24.25 -10.13
C ASN D 36 -25.84 23.94 -10.97
N TYR D 37 -25.61 22.65 -11.25
CA TYR D 37 -24.59 22.21 -12.25
C TYR D 37 -25.19 22.17 -13.64
N GLN D 38 -24.35 22.42 -14.64
CA GLN D 38 -24.66 22.15 -16.07
C GLN D 38 -24.29 20.75 -16.49
N LEU D 39 -25.22 20.03 -17.13
CA LEU D 39 -25.02 18.68 -17.49
C LEU D 39 -24.93 18.55 -18.96
N TYR D 40 -24.03 17.67 -19.39
CA TYR D 40 -24.03 17.12 -20.75
C TYR D 40 -24.39 15.70 -20.67
N ILE D 41 -25.51 15.30 -21.27
CA ILE D 41 -25.98 13.97 -21.10
C ILE D 41 -25.77 13.15 -22.35
N LEU D 42 -25.32 11.91 -22.19
CA LEU D 42 -25.21 10.92 -23.27
C LEU D 42 -25.99 9.72 -22.82
N CYS D 43 -26.69 9.08 -23.73
CA CYS D 43 -27.49 7.92 -23.37
C CYS D 43 -27.38 6.89 -24.48
N SER D 44 -27.07 5.61 -24.14
CA SER D 44 -26.89 4.59 -25.12
C SER D 44 -28.33 4.14 -25.56
N SER D 45 -28.48 3.47 -26.71
CA SER D 45 -29.82 2.98 -27.10
C SER D 45 -30.25 1.92 -26.06
N ALA D 46 -29.31 1.13 -25.50
CA ALA D 46 -29.65 0.20 -24.45
C ALA D 46 -30.12 0.96 -23.18
N GLY D 47 -29.44 2.05 -22.81
CA GLY D 47 -29.91 2.85 -21.71
C GLY D 47 -31.30 3.43 -21.82
N ARG D 48 -31.62 3.93 -23.02
CA ARG D 48 -33.01 4.33 -23.38
C ARG D 48 -34.07 3.22 -23.16
N ILE D 49 -33.75 2.00 -23.52
CA ILE D 49 -34.58 0.82 -23.25
C ILE D 49 -34.75 0.53 -21.75
N VAL D 50 -33.68 0.64 -20.98
CA VAL D 50 -33.76 0.46 -19.57
C VAL D 50 -34.59 1.58 -18.94
N LEU D 51 -34.36 2.83 -19.33
CA LEU D 51 -35.12 3.91 -18.76
C LEU D 51 -36.59 3.68 -19.02
N ASP D 52 -36.92 3.30 -20.24
CA ASP D 52 -38.34 3.15 -20.58
C ASP D 52 -38.96 2.02 -19.73
N THR D 53 -38.33 0.88 -19.65
CA THR D 53 -38.93 -0.24 -18.90
C THR D 53 -38.92 -0.03 -17.36
N GLU D 54 -37.86 0.53 -16.77
CA GLU D 54 -37.83 0.61 -15.32
C GLU D 54 -38.51 1.79 -14.68
N VAL D 55 -38.49 2.94 -15.29
CA VAL D 55 -39.08 4.06 -14.62
C VAL D 55 -40.11 4.67 -15.58
N GLY D 56 -40.32 4.09 -16.76
CA GLY D 56 -41.28 4.66 -17.74
C GLY D 56 -40.91 6.01 -18.30
N VAL D 57 -39.61 6.30 -18.34
CA VAL D 57 -39.11 7.51 -18.94
C VAL D 57 -38.56 7.25 -20.37
N LYS D 58 -39.07 8.02 -21.30
CA LYS D 58 -38.91 7.75 -22.68
C LYS D 58 -38.10 8.88 -23.24
N ILE D 59 -36.78 8.71 -23.30
CA ILE D 59 -35.94 9.78 -23.82
C ILE D 59 -35.99 9.79 -25.34
N PRO D 60 -36.39 10.90 -25.92
CA PRO D 60 -36.44 10.84 -27.38
C PRO D 60 -35.06 10.63 -28.06
N SER D 61 -35.11 10.10 -29.27
CA SER D 61 -33.95 9.61 -29.97
C SER D 61 -33.08 10.69 -30.55
N SER D 62 -33.73 11.71 -31.11
CA SER D 62 -33.04 12.89 -31.59
C SER D 62 -32.47 13.71 -30.41
N PRO D 63 -31.22 14.24 -30.55
CA PRO D 63 -30.60 14.97 -29.43
C PRO D 63 -31.33 16.24 -29.06
N ASP D 64 -31.71 17.06 -30.05
CA ASP D 64 -32.43 18.27 -29.68
C ASP D 64 -33.75 17.97 -28.93
N ALA D 65 -34.54 17.03 -29.41
CA ALA D 65 -35.79 16.64 -28.73
C ALA D 65 -35.49 16.07 -27.32
N ALA D 66 -34.36 15.34 -27.21
CA ALA D 66 -33.95 14.83 -25.91
C ALA D 66 -33.71 15.93 -24.94
N SER D 67 -32.98 16.94 -25.37
CA SER D 67 -32.58 18.03 -24.45
C SER D 67 -33.78 18.76 -23.91
N LYS D 68 -34.75 18.93 -24.79
CA LYS D 68 -35.97 19.64 -24.46
C LYS D 68 -36.87 18.78 -23.50
N PHE D 69 -36.91 17.50 -23.78
CA PHE D 69 -37.64 16.60 -22.94
C PHE D 69 -37.09 16.59 -21.50
N LEU D 70 -35.79 16.49 -21.36
CA LEU D 70 -35.19 16.43 -20.04
C LEU D 70 -35.27 17.78 -19.38
N THR D 71 -35.06 18.84 -20.14
CA THR D 71 -35.19 20.22 -19.65
C THR D 71 -36.59 20.45 -18.97
N GLU D 72 -37.62 20.07 -19.72
CA GLU D 72 -39.02 20.10 -19.30
C GLU D 72 -39.18 19.27 -18.03
N LYS D 73 -38.71 18.03 -18.09
CA LYS D 73 -38.93 17.10 -16.99
C LYS D 73 -38.35 17.57 -15.68
N TYR D 74 -37.16 18.14 -15.72
CA TYR D 74 -36.52 18.65 -14.53
C TYR D 74 -36.74 20.10 -14.20
N GLN D 75 -37.55 20.80 -15.01
CA GLN D 75 -37.69 22.31 -14.94
C GLN D 75 -36.32 22.94 -14.87
N ALA D 76 -35.42 22.50 -15.72
CA ALA D 76 -34.06 23.00 -15.70
C ALA D 76 -34.02 24.33 -16.42
N LYS D 77 -32.98 25.11 -16.13
CA LYS D 77 -32.80 26.41 -16.78
C LYS D 77 -32.27 26.25 -18.19
N ASP D 78 -32.20 27.34 -18.93
CA ASP D 78 -31.69 27.28 -20.27
C ASP D 78 -30.23 26.83 -20.32
N GLN D 79 -29.93 25.97 -21.29
CA GLN D 79 -28.57 25.44 -21.51
C GLN D 79 -28.08 24.50 -20.39
N GLN D 80 -28.89 24.23 -19.38
CA GLN D 80 -28.46 23.52 -18.20
C GLN D 80 -28.29 22.02 -18.48
N ILE D 81 -29.15 21.48 -19.34
CA ILE D 81 -29.08 20.11 -19.82
C ILE D 81 -29.00 20.17 -21.35
N THR D 82 -27.96 19.55 -21.90
CA THR D 82 -27.81 19.35 -23.33
C THR D 82 -27.49 17.91 -23.54
N VAL D 83 -28.24 17.21 -24.38
CA VAL D 83 -27.99 15.82 -24.70
C VAL D 83 -27.20 15.81 -26.02
N PHE D 84 -26.34 14.83 -26.23
CA PHE D 84 -25.54 14.72 -27.47
C PHE D 84 -25.71 13.29 -27.92
N GLY D 85 -25.74 13.06 -29.21
CA GLY D 85 -25.94 11.74 -29.80
C GLY D 85 -24.65 10.96 -29.86
N LYS D 86 -24.81 9.73 -30.26
CA LYS D 86 -23.78 8.72 -30.12
C LYS D 86 -22.62 8.94 -31.05
N GLU D 87 -22.77 9.73 -32.12
CA GLU D 87 -21.64 10.02 -33.00
C GLU D 87 -21.49 11.53 -33.20
N GLN D 88 -21.92 12.31 -32.21
CA GLN D 88 -21.95 13.77 -32.30
C GLN D 88 -20.54 14.28 -31.87
N TRP D 89 -19.58 14.21 -32.78
CA TRP D 89 -18.19 14.53 -32.45
C TRP D 89 -17.93 16.00 -32.24
N PHE D 90 -18.83 16.87 -32.69
CA PHE D 90 -18.73 18.27 -32.30
C PHE D 90 -18.95 18.56 -30.80
N SER D 91 -19.51 17.65 -30.04
CA SER D 91 -19.75 17.89 -28.61
C SER D 91 -18.43 18.32 -27.92
N PRO D 92 -18.50 19.27 -27.01
CA PRO D 92 -17.29 19.57 -26.21
C PRO D 92 -16.70 18.37 -25.45
N VAL D 93 -17.49 17.33 -25.22
CA VAL D 93 -16.97 16.15 -24.48
C VAL D 93 -16.00 15.26 -25.30
N ALA D 94 -15.94 15.45 -26.61
CA ALA D 94 -15.16 14.67 -27.51
C ALA D 94 -13.68 15.00 -27.57
N SER D 95 -13.29 16.13 -26.98
CA SER D 95 -11.90 16.60 -27.08
C SER D 95 -11.35 17.01 -25.79
N GLY D 96 -10.10 16.66 -25.53
CA GLY D 96 -9.40 17.15 -24.37
C GLY D 96 -9.22 18.63 -24.35
N SER D 97 -9.26 19.29 -25.50
CA SER D 97 -9.22 20.74 -25.55
C SER D 97 -10.49 21.40 -24.97
N SER D 98 -11.58 20.66 -24.77
CA SER D 98 -12.86 21.32 -24.46
C SER D 98 -13.72 20.63 -23.42
N ALA D 99 -13.43 19.39 -23.09
CA ALA D 99 -14.35 18.57 -22.28
C ALA D 99 -14.31 18.86 -20.79
N PRO D 100 -15.45 18.68 -20.10
CA PRO D 100 -15.51 18.75 -18.63
C PRO D 100 -14.52 17.77 -18.03
N LYS D 101 -14.08 18.09 -16.85
CA LYS D 101 -13.16 17.32 -16.13
C LYS D 101 -13.83 16.35 -15.18
N GLN D 102 -15.17 16.30 -15.15
CA GLN D 102 -15.86 15.30 -14.32
C GLN D 102 -16.90 14.62 -15.15
N MET D 103 -16.97 13.30 -15.03
CA MET D 103 -17.88 12.49 -15.77
C MET D 103 -18.31 11.35 -14.88
N VAL D 104 -19.58 11.00 -15.01
CA VAL D 104 -20.16 9.87 -14.27
C VAL D 104 -20.91 9.03 -15.28
N VAL D 105 -20.75 7.70 -15.22
CA VAL D 105 -21.55 6.81 -16.02
C VAL D 105 -22.48 6.06 -15.07
N CYS D 106 -23.76 6.33 -15.16
CA CYS D 106 -24.76 5.86 -14.15
C CYS D 106 -26.11 5.59 -14.78
N PRO D 107 -26.58 4.36 -14.75
CA PRO D 107 -25.82 3.17 -14.37
C PRO D 107 -24.85 2.80 -15.51
N CYS D 108 -23.86 1.99 -15.17
CA CYS D 108 -22.82 1.57 -16.08
C CYS D 108 -22.90 0.10 -16.30
N SER D 109 -23.20 -0.31 -17.53
CA SER D 109 -23.15 -1.72 -17.87
C SER D 109 -21.69 -2.28 -17.78
N THR D 110 -21.58 -3.59 -17.59
CA THR D 110 -20.27 -4.26 -17.62
C THR D 110 -19.61 -4.04 -19.02
N GLY D 111 -20.42 -4.02 -20.07
CA GLY D 111 -19.94 -3.77 -21.45
C GLY D 111 -19.36 -2.39 -21.71
N THR D 112 -20.01 -1.32 -21.24
CA THR D 112 -19.43 -0.01 -21.38
C THR D 112 -18.20 0.13 -20.46
N MET D 113 -18.26 -0.43 -19.26
CA MET D 113 -17.07 -0.40 -18.38
C MET D 113 -15.90 -1.11 -19.12
N ALA D 114 -16.18 -2.20 -19.78
CA ALA D 114 -15.16 -2.99 -20.59
C ALA D 114 -14.58 -2.12 -21.74
N ALA D 115 -15.46 -1.49 -22.50
CA ALA D 115 -15.02 -0.57 -23.61
C ALA D 115 -14.08 0.52 -23.10
N ILE D 116 -14.40 1.09 -21.94
CA ILE D 116 -13.63 2.16 -21.37
C ILE D 116 -12.27 1.57 -20.83
N CYS D 117 -12.32 0.40 -20.16
CA CYS D 117 -11.17 -0.28 -19.65
C CYS D 117 -10.12 -0.43 -20.75
N HIS D 118 -10.60 -0.82 -21.92
CA HIS D 118 -9.68 -1.17 -23.02
C HIS D 118 -9.47 -0.06 -24.07
N GLY D 119 -10.07 1.08 -23.86
CA GLY D 119 -9.89 2.22 -24.70
C GLY D 119 -10.58 2.13 -26.03
N MET D 120 -11.70 1.42 -26.13
CA MET D 120 -12.30 1.24 -27.43
C MET D 120 -12.72 2.54 -28.14
N SER D 121 -13.25 3.48 -27.41
CA SER D 121 -13.55 4.80 -27.95
C SER D 121 -14.31 4.77 -29.25
N ASP D 122 -15.38 4.01 -29.23
CA ASP D 122 -16.23 3.74 -30.41
C ASP D 122 -17.40 4.63 -30.62
N ASN D 123 -17.81 5.34 -29.59
CA ASN D 123 -18.94 6.23 -29.69
C ASN D 123 -18.62 7.37 -28.76
N LEU D 124 -19.51 8.37 -28.71
CA LEU D 124 -19.28 9.52 -27.92
C LEU D 124 -19.09 9.15 -26.43
N ILE D 125 -19.91 8.30 -25.90
CA ILE D 125 -19.72 7.99 -24.49
C ILE D 125 -18.28 7.42 -24.21
N GLU D 126 -17.82 6.49 -25.05
CA GLU D 126 -16.52 5.86 -24.84
C GLU D 126 -15.38 6.87 -25.05
N ARG D 127 -15.53 7.78 -26.01
CA ARG D 127 -14.53 8.73 -26.29
C ARG D 127 -14.52 9.71 -25.16
N ALA D 128 -15.69 10.11 -24.66
CA ALA D 128 -15.69 11.06 -23.56
C ALA D 128 -14.97 10.57 -22.31
N ALA D 129 -15.21 9.32 -21.97
CA ALA D 129 -14.48 8.68 -20.91
C ALA D 129 -12.98 8.62 -21.18
N ASP D 130 -12.58 8.22 -22.41
CA ASP D 130 -11.16 8.12 -22.76
C ASP D 130 -10.47 9.46 -22.57
N VAL D 131 -11.21 10.51 -22.98
CA VAL D 131 -10.77 11.84 -22.82
C VAL D 131 -10.53 12.22 -21.40
N VAL D 132 -11.55 11.99 -20.56
CA VAL D 132 -11.45 12.34 -19.09
C VAL D 132 -10.25 11.64 -18.41
N ILE D 133 -10.04 10.40 -18.77
CA ILE D 133 -8.90 9.66 -18.29
C ILE D 133 -7.56 10.30 -18.76
N LYS D 134 -7.37 10.50 -20.07
CA LYS D 134 -6.12 11.00 -20.50
C LYS D 134 -5.89 12.39 -20.01
N GLU D 135 -6.95 13.21 -19.82
CA GLU D 135 -6.75 14.52 -19.27
C GLU D 135 -6.61 14.53 -17.72
N ARG D 136 -6.58 13.38 -17.07
CA ARG D 136 -6.44 13.24 -15.63
C ARG D 136 -7.59 13.89 -14.87
N GLY D 137 -8.81 13.82 -15.39
CA GLY D 137 -9.94 14.20 -14.62
C GLY D 137 -10.45 13.07 -13.74
N GLN D 138 -11.69 13.21 -13.40
CA GLN D 138 -12.39 12.30 -12.53
C GLN D 138 -13.51 11.54 -13.28
N LEU D 139 -13.40 10.21 -13.37
CA LEU D 139 -14.39 9.42 -13.97
C LEU D 139 -14.88 8.51 -12.87
N ILE D 140 -16.20 8.42 -12.76
CA ILE D 140 -16.90 7.58 -11.81
C ILE D 140 -17.85 6.67 -12.56
N LEU D 141 -17.74 5.35 -12.34
CA LEU D 141 -18.53 4.35 -12.95
C LEU D 141 -19.39 3.60 -11.92
N MET D 142 -20.68 3.85 -12.01
CA MET D 142 -21.63 3.13 -11.14
C MET D 142 -22.08 1.85 -11.81
N VAL D 143 -21.32 0.82 -11.58
CA VAL D 143 -21.50 -0.50 -12.18
C VAL D 143 -22.59 -1.31 -11.46
N ARG D 144 -23.53 -1.89 -12.21
CA ARG D 144 -24.61 -2.68 -11.65
C ARG D 144 -24.54 -3.99 -12.38
N GLU D 145 -24.20 -4.99 -11.60
CA GLU D 145 -24.11 -6.35 -12.03
C GLU D 145 -23.83 -7.30 -10.86
N THR D 146 -24.42 -8.48 -10.89
CA THR D 146 -24.04 -9.45 -9.87
C THR D 146 -24.48 -10.80 -10.31
N PRO D 147 -23.73 -11.86 -9.98
CA PRO D 147 -22.35 -11.77 -9.48
C PRO D 147 -21.35 -11.16 -10.53
N PHE D 148 -20.16 -10.78 -10.07
CA PHE D 148 -19.08 -10.47 -10.99
C PHE D 148 -18.37 -11.74 -11.50
N SER D 149 -17.92 -11.74 -12.76
CA SER D 149 -17.05 -12.78 -13.24
C SER D 149 -15.62 -12.32 -13.01
N THR D 150 -14.69 -13.20 -13.26
CA THR D 150 -13.26 -12.84 -13.10
C THR D 150 -12.89 -11.77 -14.13
N LEU D 151 -13.49 -11.84 -15.31
CA LEU D 151 -13.12 -10.91 -16.34
C LEU D 151 -13.72 -9.58 -16.01
N HIS D 152 -14.87 -9.54 -15.35
CA HIS D 152 -15.39 -8.24 -14.90
C HIS D 152 -14.41 -7.60 -13.89
N LEU D 153 -13.94 -8.41 -12.97
CA LEU D 153 -13.00 -7.94 -11.97
C LEU D 153 -11.67 -7.50 -12.58
N GLN D 154 -11.13 -8.23 -13.55
CA GLN D 154 -9.90 -7.77 -14.20
C GLN D 154 -10.14 -6.39 -14.80
N ASN D 155 -11.26 -6.20 -15.48
CA ASN D 155 -11.59 -4.91 -16.05
C ASN D 155 -11.71 -3.75 -15.04
N MET D 156 -12.40 -3.97 -13.93
CA MET D 156 -12.56 -2.95 -12.89
C MET D 156 -11.21 -2.67 -12.23
N LEU D 157 -10.38 -3.70 -12.03
CA LEU D 157 -9.07 -3.50 -11.36
C LEU D 157 -8.14 -2.61 -12.15
N SER D 158 -8.11 -2.84 -13.46
CA SER D 158 -7.36 -2.07 -14.42
C SER D 158 -7.78 -0.64 -14.41
N LEU D 159 -9.09 -0.35 -14.53
CA LEU D 159 -9.60 1.02 -14.39
C LEU D 159 -9.28 1.63 -13.02
N SER D 160 -9.50 0.90 -11.92
CA SER D 160 -9.28 1.45 -10.63
C SER D 160 -7.80 1.80 -10.39
N GLN D 161 -6.89 0.93 -10.84
CA GLN D 161 -5.46 1.19 -10.71
C GLN D 161 -5.08 2.47 -11.46
N GLN D 162 -5.87 2.77 -12.50
CA GLN D 162 -5.64 3.97 -13.29
C GLN D 162 -6.40 5.23 -12.81
N GLY D 163 -6.93 5.24 -11.58
CA GLY D 163 -7.63 6.46 -11.02
C GLY D 163 -9.12 6.58 -11.31
N VAL D 164 -9.71 5.66 -12.03
CA VAL D 164 -11.17 5.61 -12.18
C VAL D 164 -11.80 5.03 -10.86
N THR D 165 -12.92 5.61 -10.43
CA THR D 165 -13.64 5.19 -9.21
C THR D 165 -14.71 4.18 -9.63
N ILE D 166 -14.51 2.91 -9.26
CA ILE D 166 -15.45 1.83 -9.52
C ILE D 166 -16.38 1.84 -8.31
N MET D 167 -17.62 2.27 -8.55
CA MET D 167 -18.59 2.49 -7.46
C MET D 167 -19.75 1.62 -7.74
N PRO D 168 -19.72 0.39 -7.23
CA PRO D 168 -20.86 -0.43 -7.56
C PRO D 168 -22.14 0.08 -6.86
N ALA D 169 -23.30 -0.29 -7.43
CA ALA D 169 -24.61 0.18 -7.00
C ALA D 169 -25.03 -0.83 -5.93
N SER D 170 -24.30 -0.74 -4.84
CA SER D 170 -24.37 -1.63 -3.66
C SER D 170 -24.75 -0.79 -2.39
N PRO D 171 -26.03 -0.37 -2.33
CA PRO D 171 -26.47 0.51 -1.25
C PRO D 171 -26.33 -0.10 0.10
N GLY D 172 -25.99 0.73 1.08
CA GLY D 172 -26.01 0.36 2.50
C GLY D 172 -27.36 0.58 3.18
N PHE D 173 -27.50 -0.06 4.33
CA PHE D 173 -28.74 -0.09 5.09
C PHE D 173 -28.54 0.43 6.53
N TYR D 174 -27.38 0.97 6.87
CA TYR D 174 -27.10 1.42 8.25
C TYR D 174 -27.77 2.77 8.60
N HIS D 175 -28.24 3.48 7.62
CA HIS D 175 -29.01 4.67 7.86
C HIS D 175 -30.49 4.29 8.08
N LYS D 176 -31.38 5.27 8.02
CA LYS D 176 -32.80 5.01 8.33
C LYS D 176 -33.48 4.50 7.05
N VAL D 177 -33.49 3.19 6.77
CA VAL D 177 -34.08 2.74 5.48
C VAL D 177 -35.55 2.34 5.55
N GLU D 178 -36.40 3.35 5.45
CA GLU D 178 -37.82 3.15 5.42
C GLU D 178 -38.28 2.79 4.00
N THR D 179 -37.59 3.25 2.97
CA THR D 179 -38.14 3.21 1.63
C THR D 179 -37.08 2.94 0.54
N ILE D 180 -37.52 2.55 -0.65
CA ILE D 180 -36.59 2.32 -1.77
C ILE D 180 -35.83 3.58 -2.11
N GLU D 181 -36.43 4.75 -1.90
CA GLU D 181 -35.78 5.98 -2.22
C GLU D 181 -34.58 6.15 -1.34
N ASP D 182 -34.62 5.62 -0.12
CA ASP D 182 -33.51 5.71 0.81
C ASP D 182 -32.28 4.98 0.24
N LEU D 183 -32.52 3.92 -0.50
CA LEU D 183 -31.42 3.19 -1.13
C LEU D 183 -30.88 3.98 -2.34
N ILE D 184 -31.75 4.62 -3.10
CA ILE D 184 -31.32 5.34 -4.28
C ILE D 184 -30.48 6.50 -3.81
N ASP D 185 -30.90 7.11 -2.70
CA ASP D 185 -30.26 8.29 -2.17
C ASP D 185 -28.93 7.99 -1.54
N PHE D 186 -28.75 6.78 -1.03
CA PHE D 186 -27.44 6.30 -0.50
C PHE D 186 -26.38 6.34 -1.64
N MET D 187 -26.72 5.80 -2.80
CA MET D 187 -25.76 5.76 -3.93
C MET D 187 -25.56 7.18 -4.50
N VAL D 188 -26.65 7.89 -4.72
CA VAL D 188 -26.55 9.22 -5.25
C VAL D 188 -25.72 10.12 -4.34
N GLY D 189 -25.96 10.02 -3.04
CA GLY D 189 -25.20 10.84 -2.08
C GLY D 189 -23.71 10.54 -2.16
N ARG D 190 -23.39 9.26 -2.29
CA ARG D 190 -22.00 8.85 -2.40
C ARG D 190 -21.40 9.43 -3.69
N VAL D 191 -22.12 9.35 -4.80
CA VAL D 191 -21.65 10.03 -6.05
C VAL D 191 -21.39 11.52 -5.84
N LEU D 192 -22.35 12.24 -5.24
CA LEU D 192 -22.19 13.65 -5.09
C LEU D 192 -20.99 13.97 -4.18
N ASP D 193 -20.77 13.17 -3.13
CA ASP D 193 -19.57 13.42 -2.26
C ASP D 193 -18.28 13.30 -3.08
N HIS D 194 -18.20 12.25 -3.88
CA HIS D 194 -17.04 12.15 -4.76
C HIS D 194 -16.87 13.31 -5.77
N LEU D 195 -17.96 13.78 -6.35
CA LEU D 195 -17.88 15.00 -7.16
C LEU D 195 -17.47 16.31 -6.44
N GLY D 196 -17.51 16.32 -5.11
CA GLY D 196 -17.17 17.48 -4.31
C GLY D 196 -18.39 18.41 -4.20
N ILE D 197 -19.59 17.84 -4.28
CA ILE D 197 -20.84 18.63 -4.34
C ILE D 197 -21.56 18.43 -3.02
N GLU D 198 -21.87 19.51 -2.31
CA GLU D 198 -22.57 19.38 -1.03
C GLU D 198 -23.90 18.73 -1.25
N GLN D 199 -24.24 17.78 -0.41
CA GLN D 199 -25.49 17.08 -0.51
C GLN D 199 -25.98 16.85 0.92
N ASP D 200 -27.28 16.70 1.11
CA ASP D 200 -27.80 16.33 2.44
C ASP D 200 -28.82 15.19 2.36
N ILE D 201 -28.80 14.45 1.26
CA ILE D 201 -29.76 13.36 1.07
C ILE D 201 -29.33 12.08 1.79
N MET D 202 -28.06 12.00 2.12
CA MET D 202 -27.50 10.87 2.84
C MET D 202 -26.77 11.46 4.04
N PRO D 203 -27.23 11.18 5.29
CA PRO D 203 -26.60 11.83 6.45
C PRO D 203 -25.08 11.54 6.61
N ARG D 204 -24.35 12.49 7.21
CA ARG D 204 -22.88 12.38 7.47
C ARG D 204 -22.54 11.95 8.86
N TRP D 205 -23.50 11.43 9.63
CA TRP D 205 -23.10 10.55 10.72
C TRP D 205 -23.05 9.19 10.08
N GLY D 206 -22.13 8.38 10.59
CA GLY D 206 -21.90 7.08 10.02
C GLY D 206 -22.80 6.11 10.74
N TYR D 207 -22.17 5.26 11.52
CA TYR D 207 -22.85 4.13 12.16
C TYR D 207 -23.40 4.44 13.58
N ASN D 208 -24.62 3.97 13.84
CA ASN D 208 -25.37 4.25 15.08
C ASN D 208 -26.16 3.07 15.64
N ASP E 7 -13.70 27.64 15.63
CA ASP E 7 -13.45 26.20 15.42
C ASP E 7 -12.24 26.04 14.49
N PHE E 8 -12.19 24.93 13.75
CA PHE E 8 -10.93 24.33 13.34
C PHE E 8 -10.71 24.39 11.85
N ASN E 9 -9.46 24.19 11.44
CA ASN E 9 -9.07 24.23 10.05
C ASN E 9 -9.38 22.93 9.32
N GLY E 10 -9.80 21.90 10.03
CA GLY E 10 -10.08 20.60 9.40
C GLY E 10 -9.91 19.49 10.41
N LYS E 11 -10.30 18.30 9.99
CA LYS E 11 -10.16 17.10 10.79
C LYS E 11 -9.07 16.23 10.19
N ILE E 12 -8.24 15.65 11.06
CA ILE E 12 -7.24 14.68 10.69
C ILE E 12 -7.39 13.48 11.58
N THR E 13 -7.24 12.29 10.99
CA THR E 13 -7.24 11.05 11.77
C THR E 13 -5.75 10.63 12.03
N LEU E 14 -5.39 10.35 13.26
CA LEU E 14 -4.04 9.94 13.61
C LEU E 14 -4.12 8.66 14.34
N ALA E 15 -3.32 7.71 13.87
CA ALA E 15 -3.24 6.40 14.42
C ALA E 15 -1.80 6.22 14.88
N ILE E 16 -1.65 5.83 16.14
CA ILE E 16 -0.37 5.54 16.74
C ILE E 16 -0.28 4.03 16.91
N THR E 17 0.70 3.37 16.30
CA THR E 17 0.86 1.90 16.43
C THR E 17 2.20 1.58 17.06
N GLY E 18 2.49 0.30 17.29
CA GLY E 18 3.63 -0.12 18.09
C GLY E 18 4.94 -0.24 17.33
N ALA E 19 5.36 0.82 16.67
CA ALA E 19 6.74 0.86 16.20
C ALA E 19 7.49 1.86 17.01
N SER E 20 8.80 1.82 16.93
CA SER E 20 9.59 2.72 17.72
C SER E 20 9.37 4.10 17.09
N GLY E 21 9.56 5.16 17.84
CA GLY E 21 9.39 6.51 17.23
C GLY E 21 8.17 7.23 17.74
N ALA E 22 7.77 6.89 18.96
CA ALA E 22 6.74 7.63 19.71
C ALA E 22 6.87 9.15 19.69
N SER E 23 8.09 9.63 19.89
CA SER E 23 8.39 11.08 19.89
C SER E 23 7.94 11.78 18.64
N TYR E 24 8.09 11.13 17.49
CA TYR E 24 7.55 11.70 16.27
C TYR E 24 6.04 11.94 16.43
N ALA E 25 5.34 10.95 16.94
CA ALA E 25 3.90 11.04 17.01
C ALA E 25 3.52 12.15 17.98
N MET E 26 4.26 12.25 19.07
CA MET E 26 3.96 13.27 20.12
C MET E 26 4.20 14.66 19.55
N ARG E 27 5.31 14.85 18.85
CA ARG E 27 5.60 16.07 18.21
C ARG E 27 4.59 16.43 17.07
N LEU E 28 4.17 15.44 16.30
CA LEU E 28 3.10 15.68 15.30
C LEU E 28 1.78 16.24 15.93
N ILE E 29 1.29 15.60 16.99
CA ILE E 29 0.09 16.08 17.73
C ILE E 29 0.24 17.52 18.18
N GLU E 30 1.37 17.80 18.84
CA GLU E 30 1.72 19.10 19.31
C GLU E 30 1.56 20.15 18.20
N CYS E 31 2.13 19.91 17.01
CA CYS E 31 2.06 20.82 15.89
C CYS E 31 0.69 20.93 15.24
N LEU E 32 -0.03 19.83 15.16
CA LEU E 32 -1.36 19.92 14.57
C LEU E 32 -2.33 20.70 15.49
N ILE E 33 -2.12 20.58 16.79
CA ILE E 33 -2.92 21.31 17.80
C ILE E 33 -2.69 22.81 17.67
N ALA E 34 -1.42 23.21 17.64
CA ALA E 34 -1.02 24.60 17.46
C ALA E 34 -1.50 25.13 16.14
N ALA E 35 -1.60 24.27 15.12
CA ALA E 35 -2.11 24.69 13.80
C ALA E 35 -3.62 24.71 13.72
N ASN E 36 -4.28 24.31 14.82
CA ASN E 36 -5.73 24.43 14.99
C ASN E 36 -6.51 23.42 14.17
N TYR E 37 -5.98 22.18 14.11
CA TYR E 37 -6.65 21.10 13.45
C TYR E 37 -7.36 20.34 14.55
N GLN E 38 -8.49 19.72 14.20
CA GLN E 38 -9.20 18.84 15.05
C GLN E 38 -8.70 17.40 14.76
N LEU E 39 -8.52 16.59 15.81
CA LEU E 39 -7.90 15.29 15.67
C LEU E 39 -8.80 14.21 16.16
N TYR E 40 -8.85 13.10 15.42
CA TYR E 40 -9.41 11.89 15.89
C TYR E 40 -8.22 10.98 16.04
N ILE E 41 -7.93 10.53 17.26
CA ILE E 41 -6.75 9.76 17.52
C ILE E 41 -7.11 8.34 17.84
N LEU E 42 -6.38 7.39 17.27
CA LEU E 42 -6.55 5.99 17.54
C LEU E 42 -5.19 5.46 18.03
N CYS E 43 -5.18 4.54 19.00
CA CYS E 43 -3.90 4.00 19.51
C CYS E 43 -4.07 2.54 19.73
N SER E 44 -3.19 1.71 19.15
CA SER E 44 -3.31 0.29 19.39
C SER E 44 -2.71 -0.01 20.76
N SER E 45 -2.80 -1.27 21.19
CA SER E 45 -2.24 -1.64 22.52
C SER E 45 -0.74 -1.60 22.49
N ALA E 46 -0.18 -2.03 21.38
CA ALA E 46 1.24 -2.05 21.29
C ALA E 46 1.76 -0.62 21.16
N GLY E 47 0.96 0.22 20.50
CA GLY E 47 1.16 1.68 20.50
C GLY E 47 1.41 2.30 21.89
N ARG E 48 0.48 2.03 22.78
CA ARG E 48 0.53 2.56 24.15
C ARG E 48 1.77 2.03 24.86
N ILE E 49 2.08 0.75 24.65
CA ILE E 49 3.28 0.17 25.26
C ILE E 49 4.53 0.91 24.78
N VAL E 50 4.56 1.33 23.51
CA VAL E 50 5.74 2.02 23.00
C VAL E 50 5.79 3.42 23.55
N LEU E 51 4.64 4.12 23.55
CA LEU E 51 4.54 5.48 24.09
C LEU E 51 5.01 5.52 25.55
N ASP E 52 4.56 4.53 26.31
CA ASP E 52 4.98 4.32 27.71
C ASP E 52 6.52 4.19 27.89
N THR E 53 7.15 3.20 27.27
CA THR E 53 8.58 2.95 27.49
C THR E 53 9.49 3.97 26.80
N GLU E 54 9.07 4.50 25.67
CA GLU E 54 9.95 5.42 24.95
C GLU E 54 9.83 6.86 25.46
N VAL E 55 8.64 7.35 25.75
CA VAL E 55 8.50 8.78 26.20
C VAL E 55 7.76 9.02 27.54
N GLY E 56 7.56 7.96 28.32
CA GLY E 56 6.86 8.07 29.59
C GLY E 56 5.50 8.75 29.48
N VAL E 57 4.65 8.22 28.61
CA VAL E 57 3.33 8.75 28.36
C VAL E 57 2.38 7.56 28.33
N LYS E 58 1.61 7.51 29.41
CA LYS E 58 0.70 6.45 29.73
C LYS E 58 -0.66 6.94 29.27
N ILE E 59 -1.00 6.66 28.02
CA ILE E 59 -2.35 6.99 27.53
C ILE E 59 -3.36 5.99 28.08
N PRO E 60 -4.38 6.45 28.81
CA PRO E 60 -5.43 5.59 29.34
C PRO E 60 -6.11 4.75 28.26
N SER E 61 -6.49 3.54 28.58
CA SER E 61 -6.99 2.68 27.49
C SER E 61 -8.49 2.85 27.26
N SER E 62 -9.16 3.51 28.21
CA SER E 62 -10.52 3.98 28.06
C SER E 62 -10.56 5.21 27.16
N PRO E 63 -11.37 5.19 26.09
CA PRO E 63 -11.38 6.31 25.17
C PRO E 63 -11.69 7.65 25.84
N ASP E 64 -12.68 7.68 26.72
CA ASP E 64 -13.02 8.96 27.35
C ASP E 64 -11.91 9.53 28.22
N ALA E 65 -11.34 8.70 29.08
CA ALA E 65 -10.19 9.14 29.89
C ALA E 65 -9.00 9.54 28.99
N ALA E 66 -8.84 8.84 27.86
CA ALA E 66 -7.77 9.15 26.89
C ALA E 66 -7.93 10.52 26.26
N SER E 67 -9.14 10.84 25.80
CA SER E 67 -9.42 12.21 25.32
C SER E 67 -9.11 13.31 26.35
N LYS E 68 -9.51 13.13 27.61
CA LYS E 68 -9.32 14.18 28.65
C LYS E 68 -7.81 14.40 28.97
N PHE E 69 -7.11 13.28 29.06
CA PHE E 69 -5.66 13.21 29.28
C PHE E 69 -4.87 13.94 28.20
N LEU E 70 -5.23 13.71 26.94
CA LEU E 70 -4.49 14.32 25.81
C LEU E 70 -4.83 15.79 25.70
N THR E 71 -6.12 16.08 25.88
CA THR E 71 -6.62 17.46 25.88
C THR E 71 -5.85 18.29 26.90
N GLU E 72 -5.84 17.76 28.13
CA GLU E 72 -5.07 18.35 29.25
C GLU E 72 -3.59 18.41 28.88
N LYS E 73 -3.03 17.31 28.39
CA LYS E 73 -1.60 17.29 28.11
C LYS E 73 -1.20 18.37 27.12
N TYR E 74 -2.01 18.53 26.08
CA TYR E 74 -1.75 19.56 25.04
C TYR E 74 -2.50 20.88 25.25
N GLN E 75 -3.22 20.98 26.38
CA GLN E 75 -4.06 22.15 26.65
C GLN E 75 -4.95 22.45 25.48
N ALA E 76 -5.68 21.44 25.01
CA ALA E 76 -6.38 21.58 23.72
C ALA E 76 -7.74 22.24 23.96
N LYS E 77 -8.30 22.89 22.94
CA LYS E 77 -9.70 23.40 23.02
C LYS E 77 -10.74 22.27 23.16
N ASP E 78 -11.98 22.64 23.43
CA ASP E 78 -13.06 21.66 23.55
C ASP E 78 -13.26 20.97 22.19
N GLN E 79 -13.42 19.66 22.22
CA GLN E 79 -13.62 18.80 21.03
C GLN E 79 -12.44 18.79 20.02
N GLN E 80 -11.29 19.39 20.39
CA GLN E 80 -10.18 19.42 19.46
C GLN E 80 -9.51 18.04 19.30
N ILE E 81 -9.55 17.23 20.36
CA ILE E 81 -8.97 15.88 20.36
C ILE E 81 -10.07 14.93 20.80
N THR E 82 -10.31 13.88 20.02
CA THR E 82 -11.19 12.83 20.45
C THR E 82 -10.42 11.57 20.15
N VAL E 83 -10.35 10.69 21.12
CA VAL E 83 -9.76 9.37 20.99
C VAL E 83 -10.86 8.34 20.88
N PHE E 84 -10.69 7.37 19.99
CA PHE E 84 -11.73 6.35 19.80
C PHE E 84 -11.14 4.97 20.05
N GLY E 85 -12.00 4.03 20.45
CA GLY E 85 -11.59 2.73 20.95
C GLY E 85 -11.32 1.71 19.87
N LYS E 86 -10.57 0.68 20.24
CA LYS E 86 -10.17 -0.43 19.38
C LYS E 86 -11.25 -0.88 18.38
N GLU E 87 -12.49 -1.03 18.84
CA GLU E 87 -13.55 -1.63 18.04
C GLU E 87 -14.82 -0.82 18.18
N GLN E 88 -14.63 0.48 18.29
CA GLN E 88 -15.67 1.49 18.43
C GLN E 88 -16.16 1.95 17.04
N TRP E 89 -17.03 1.13 16.45
CA TRP E 89 -17.61 1.42 15.13
C TRP E 89 -18.49 2.67 14.99
N PHE E 90 -19.07 3.26 16.03
CA PHE E 90 -19.83 4.53 15.83
C PHE E 90 -18.92 5.75 15.49
N SER E 91 -17.62 5.58 15.61
CA SER E 91 -16.72 6.63 15.31
C SER E 91 -16.94 7.06 13.87
N PRO E 92 -16.86 8.37 13.61
CA PRO E 92 -16.94 8.90 12.23
C PRO E 92 -15.84 8.34 11.29
N VAL E 93 -14.74 7.82 11.85
CA VAL E 93 -13.65 7.31 10.99
C VAL E 93 -13.98 5.98 10.37
N ALA E 94 -15.04 5.34 10.78
CA ALA E 94 -15.32 3.99 10.36
C ALA E 94 -16.21 3.90 9.12
N SER E 95 -16.73 5.03 8.64
CA SER E 95 -17.64 5.01 7.49
C SER E 95 -17.14 5.99 6.49
N GLY E 96 -17.14 5.56 5.23
CA GLY E 96 -16.87 6.48 4.14
C GLY E 96 -17.88 7.62 4.02
N SER E 97 -19.09 7.44 4.57
CA SER E 97 -20.10 8.52 4.64
C SER E 97 -19.71 9.62 5.57
N SER E 98 -18.74 9.38 6.48
CA SER E 98 -18.45 10.39 7.49
C SER E 98 -16.99 10.72 7.81
N ALA E 99 -16.04 9.96 7.28
CA ALA E 99 -14.71 9.99 7.83
C ALA E 99 -13.93 11.10 7.21
N PRO E 100 -12.96 11.64 7.96
CA PRO E 100 -12.01 12.55 7.36
C PRO E 100 -11.21 11.98 6.19
N LYS E 101 -10.71 12.90 5.37
CA LYS E 101 -9.99 12.58 4.16
C LYS E 101 -8.51 12.60 4.28
N GLN E 102 -7.98 13.02 5.42
CA GLN E 102 -6.54 12.88 5.71
C GLN E 102 -6.30 12.00 6.89
N MET E 103 -5.39 11.04 6.75
CA MET E 103 -4.99 10.16 7.84
C MET E 103 -3.48 9.89 7.83
N VAL E 104 -2.90 9.87 9.03
CA VAL E 104 -1.49 9.61 9.22
C VAL E 104 -1.42 8.45 10.24
N VAL E 105 -0.59 7.44 9.98
CA VAL E 105 -0.28 6.41 10.95
C VAL E 105 1.16 6.69 11.33
N CYS E 106 1.35 7.15 12.54
CA CYS E 106 2.70 7.58 13.02
C CYS E 106 2.87 7.25 14.47
N PRO E 107 3.84 6.36 14.81
CA PRO E 107 4.62 5.52 13.92
C PRO E 107 3.78 4.35 13.42
N CYS E 108 4.22 3.76 12.31
CA CYS E 108 3.45 2.70 11.65
C CYS E 108 4.28 1.44 11.70
N SER E 109 3.83 0.43 12.44
CA SER E 109 4.56 -0.84 12.45
C SER E 109 4.44 -1.54 11.07
N THR E 110 5.37 -2.45 10.77
CA THR E 110 5.31 -3.14 9.55
C THR E 110 4.03 -4.00 9.55
N GLY E 111 3.61 -4.46 10.73
CA GLY E 111 2.39 -5.29 10.82
C GLY E 111 1.08 -4.57 10.50
N THR E 112 0.94 -3.36 11.00
CA THR E 112 -0.17 -2.50 10.60
C THR E 112 -0.07 -2.10 9.12
N MET E 113 1.13 -1.80 8.66
CA MET E 113 1.27 -1.53 7.22
C MET E 113 0.72 -2.72 6.43
N ALA E 114 1.06 -3.92 6.85
CA ALA E 114 0.64 -5.12 6.20
C ALA E 114 -0.84 -5.35 6.21
N ALA E 115 -1.48 -5.12 7.36
CA ALA E 115 -2.90 -5.28 7.44
C ALA E 115 -3.67 -4.29 6.52
N ILE E 116 -3.19 -3.07 6.49
CA ILE E 116 -3.69 -2.03 5.54
C ILE E 116 -3.47 -2.38 4.04
N CYS E 117 -2.23 -2.80 3.73
CA CYS E 117 -1.86 -3.31 2.42
C CYS E 117 -2.88 -4.31 1.88
N HIS E 118 -3.21 -5.26 2.71
CA HIS E 118 -4.05 -6.35 2.30
C HIS E 118 -5.52 -6.21 2.60
N GLY E 119 -5.95 -5.11 3.21
CA GLY E 119 -7.39 -4.81 3.52
C GLY E 119 -7.97 -5.59 4.69
N MET E 120 -7.15 -5.98 5.67
CA MET E 120 -7.69 -6.82 6.72
C MET E 120 -8.81 -6.13 7.51
N SER E 121 -8.70 -4.84 7.74
CA SER E 121 -9.79 -4.12 8.33
C SER E 121 -10.29 -4.81 9.62
N ASP E 122 -9.39 -5.15 10.56
CA ASP E 122 -9.75 -6.03 11.72
C ASP E 122 -10.06 -5.26 12.98
N ASN E 123 -9.78 -3.96 12.96
CA ASN E 123 -9.97 -3.06 14.09
C ASN E 123 -10.16 -1.67 13.48
N LEU E 124 -10.37 -0.69 14.36
CA LEU E 124 -10.78 0.64 13.92
C LEU E 124 -9.68 1.34 13.15
N ILE E 125 -8.43 1.19 13.56
CA ILE E 125 -7.31 1.71 12.78
C ILE E 125 -7.28 1.16 11.35
N GLU E 126 -7.45 -0.14 11.19
CA GLU E 126 -7.36 -0.76 9.88
C GLU E 126 -8.56 -0.42 9.04
N ARG E 127 -9.75 -0.36 9.64
CA ARG E 127 -10.98 0.01 8.93
C ARG E 127 -10.88 1.47 8.50
N ALA E 128 -10.33 2.31 9.37
CA ALA E 128 -10.20 3.74 9.13
C ALA E 128 -9.30 4.00 7.93
N ALA E 129 -8.15 3.35 7.88
CA ALA E 129 -7.29 3.41 6.68
C ALA E 129 -7.96 2.87 5.41
N ASP E 130 -8.67 1.75 5.49
CA ASP E 130 -9.32 1.15 4.35
C ASP E 130 -10.30 2.16 3.76
N VAL E 131 -11.06 2.83 4.65
CA VAL E 131 -11.99 3.89 4.28
C VAL E 131 -11.34 5.07 3.57
N VAL E 132 -10.26 5.65 4.11
CA VAL E 132 -9.59 6.73 3.45
C VAL E 132 -9.14 6.30 2.04
N ILE E 133 -8.69 5.04 1.92
CA ILE E 133 -8.21 4.53 0.66
C ILE E 133 -9.37 4.44 -0.32
N LYS E 134 -10.42 3.75 0.07
CA LYS E 134 -11.58 3.64 -0.86
C LYS E 134 -12.24 5.01 -1.23
N GLU E 135 -12.19 5.99 -0.31
CA GLU E 135 -12.74 7.29 -0.57
C GLU E 135 -11.77 8.24 -1.31
N ARG E 136 -10.60 7.75 -1.66
CA ARG E 136 -9.60 8.40 -2.39
C ARG E 136 -9.07 9.56 -1.60
N GLY E 137 -8.94 9.38 -0.28
CA GLY E 137 -8.33 10.42 0.57
C GLY E 137 -6.83 10.33 0.56
N GLN E 138 -6.21 10.91 1.56
CA GLN E 138 -4.73 10.90 1.67
C GLN E 138 -4.33 10.10 2.91
N LEU E 139 -3.58 9.02 2.73
CA LEU E 139 -3.06 8.19 3.81
C LEU E 139 -1.58 8.27 3.76
N ILE E 140 -1.02 8.61 4.92
CA ILE E 140 0.41 8.73 5.11
C ILE E 140 0.88 7.75 6.19
N LEU E 141 1.84 6.90 5.87
CA LEU E 141 2.22 5.89 6.86
C LEU E 141 3.70 6.10 7.20
N MET E 142 3.99 6.47 8.47
CA MET E 142 5.39 6.66 8.88
C MET E 142 6.01 5.37 9.44
N VAL E 143 6.58 4.59 8.52
CA VAL E 143 7.03 3.23 8.79
C VAL E 143 8.39 3.32 9.48
N ARG E 144 8.62 2.56 10.54
CA ARG E 144 9.91 2.64 11.26
C ARG E 144 10.27 1.15 11.45
N GLU E 145 11.23 0.70 10.66
CA GLU E 145 11.77 -0.65 10.69
C GLU E 145 13.06 -0.65 9.88
N THR E 146 14.06 -1.42 10.28
CA THR E 146 15.22 -1.57 9.44
C THR E 146 16.00 -2.82 9.86
N PRO E 147 16.63 -3.53 8.95
CA PRO E 147 16.45 -3.45 7.51
C PRO E 147 15.00 -3.80 7.09
N PHE E 148 14.63 -3.49 5.85
CA PHE E 148 13.43 -4.08 5.22
C PHE E 148 13.66 -5.53 4.70
N SER E 149 12.63 -6.38 4.81
CA SER E 149 12.64 -7.66 4.11
C SER E 149 11.93 -7.44 2.78
N THR E 150 12.06 -8.44 1.93
CA THR E 150 11.40 -8.43 0.64
C THR E 150 9.91 -8.31 0.84
N LEU E 151 9.36 -9.02 1.80
CA LEU E 151 7.93 -8.92 1.92
C LEU E 151 7.50 -7.56 2.43
N HIS E 152 8.31 -6.90 3.29
CA HIS E 152 7.99 -5.55 3.64
C HIS E 152 7.88 -4.66 2.42
N LEU E 153 8.86 -4.82 1.55
CA LEU E 153 8.95 -4.03 0.39
C LEU E 153 7.80 -4.32 -0.60
N GLN E 154 7.35 -5.57 -0.69
CA GLN E 154 6.17 -5.90 -1.54
C GLN E 154 4.97 -5.19 -0.97
N ASN E 155 4.79 -5.28 0.36
CA ASN E 155 3.65 -4.56 0.96
C ASN E 155 3.68 -3.07 0.73
N MET E 156 4.79 -2.45 1.02
CA MET E 156 4.91 -1.06 0.77
C MET E 156 4.68 -0.71 -0.69
N LEU E 157 5.20 -1.49 -1.64
CA LEU E 157 5.11 -1.09 -3.04
C LEU E 157 3.64 -1.11 -3.47
N SER E 158 2.89 -2.07 -2.94
CA SER E 158 1.50 -2.24 -3.34
C SER E 158 0.69 -1.00 -2.88
N LEU E 159 0.99 -0.51 -1.70
CA LEU E 159 0.23 0.64 -1.17
C LEU E 159 0.63 1.89 -1.90
N SER E 160 1.91 2.02 -2.15
CA SER E 160 2.44 3.18 -2.84
C SER E 160 1.89 3.31 -4.25
N GLN E 161 1.81 2.21 -4.96
CA GLN E 161 1.16 2.18 -6.27
C GLN E 161 -0.29 2.62 -6.20
N GLN E 162 -0.96 2.34 -5.08
CA GLN E 162 -2.35 2.72 -4.83
C GLN E 162 -2.50 4.12 -4.22
N GLY E 163 -1.46 4.94 -4.26
CA GLY E 163 -1.46 6.34 -3.80
C GLY E 163 -1.29 6.60 -2.31
N VAL E 164 -0.92 5.58 -1.54
CA VAL E 164 -0.57 5.77 -0.17
C VAL E 164 0.91 6.22 -0.07
N THR E 165 1.17 7.24 0.71
CA THR E 165 2.52 7.78 0.91
C THR E 165 3.26 6.97 1.97
N ILE E 166 4.23 6.21 1.54
CA ILE E 166 5.07 5.49 2.45
C ILE E 166 6.21 6.49 2.83
N MET E 167 6.29 6.77 4.12
CA MET E 167 7.18 7.81 4.63
C MET E 167 8.01 7.20 5.74
N PRO E 168 9.10 6.60 5.37
CA PRO E 168 9.90 5.97 6.41
C PRO E 168 10.55 7.01 7.32
N ALA E 169 10.80 6.62 8.55
CA ALA E 169 11.34 7.57 9.53
C ALA E 169 12.82 7.60 9.37
N SER E 170 13.26 8.26 8.33
CA SER E 170 14.62 8.33 7.95
C SER E 170 15.03 9.80 7.88
N PRO E 171 15.22 10.46 9.02
CA PRO E 171 15.49 11.90 9.00
C PRO E 171 16.75 12.25 8.31
N GLY E 172 16.77 13.43 7.69
CA GLY E 172 17.95 13.87 6.96
C GLY E 172 18.74 14.72 7.95
N PHE E 173 19.96 15.07 7.57
CA PHE E 173 20.95 15.73 8.50
C PHE E 173 21.51 16.96 7.84
N TYR E 174 20.96 17.34 6.70
CA TYR E 174 21.52 18.45 5.92
C TYR E 174 21.10 19.77 6.46
N HIS E 175 20.19 19.82 7.41
CA HIS E 175 19.75 21.15 7.94
C HIS E 175 20.56 21.56 9.20
N LYS E 176 21.58 20.78 9.55
CA LYS E 176 22.40 20.98 10.78
C LYS E 176 21.66 20.57 12.08
N VAL E 177 21.98 19.37 12.54
CA VAL E 177 21.36 18.80 13.71
C VAL E 177 22.30 18.87 14.91
N GLU E 178 21.83 19.51 15.98
CA GLU E 178 22.56 19.65 17.25
C GLU E 178 21.84 18.93 18.41
N THR E 179 20.60 18.52 18.13
CA THR E 179 19.69 17.93 19.07
C THR E 179 18.83 16.89 18.31
N ILE E 180 18.37 15.88 19.02
CA ILE E 180 17.46 14.88 18.48
C ILE E 180 16.16 15.54 18.02
N GLU E 181 15.75 16.61 18.71
CA GLU E 181 14.59 17.36 18.32
C GLU E 181 14.61 17.90 16.91
N ASP E 182 15.77 18.31 16.43
CA ASP E 182 15.89 18.67 15.01
C ASP E 182 15.57 17.47 14.03
N LEU E 183 15.88 16.24 14.41
CA LEU E 183 15.60 15.08 13.55
C LEU E 183 14.13 14.71 13.67
N ILE E 184 13.56 14.93 14.84
CA ILE E 184 12.17 14.68 14.97
C ILE E 184 11.42 15.67 14.14
N ASP E 185 11.87 16.90 14.19
CA ASP E 185 11.16 17.95 13.46
C ASP E 185 11.37 17.82 11.95
N PHE E 186 12.50 17.27 11.52
CA PHE E 186 12.64 16.91 10.11
C PHE E 186 11.45 16.09 9.59
N MET E 187 11.14 15.00 10.27
CA MET E 187 10.03 14.12 9.84
C MET E 187 8.65 14.75 9.99
N VAL E 188 8.40 15.38 11.13
CA VAL E 188 7.09 15.96 11.37
C VAL E 188 6.80 17.06 10.33
N GLY E 189 7.85 17.77 9.99
CA GLY E 189 7.74 18.84 9.01
C GLY E 189 7.43 18.33 7.60
N ARG E 190 7.97 17.17 7.24
CA ARG E 190 7.63 16.55 6.01
C ARG E 190 6.18 16.08 6.03
N VAL E 191 5.70 15.53 7.15
CA VAL E 191 4.30 15.11 7.24
C VAL E 191 3.40 16.35 7.05
N LEU E 192 3.73 17.42 7.76
CA LEU E 192 3.00 18.67 7.61
C LEU E 192 3.02 19.25 6.18
N ASP E 193 4.18 19.24 5.48
CA ASP E 193 4.24 19.64 4.09
C ASP E 193 3.22 18.81 3.30
N HIS E 194 3.31 17.50 3.42
CA HIS E 194 2.34 16.65 2.72
C HIS E 194 0.88 16.85 3.00
N LEU E 195 0.54 17.09 4.27
CA LEU E 195 -0.80 17.50 4.64
C LEU E 195 -1.23 18.88 4.12
N GLY E 196 -0.30 19.69 3.62
CA GLY E 196 -0.61 21.01 3.13
C GLY E 196 -0.73 22.01 4.28
N ILE E 197 -0.03 21.73 5.39
CA ILE E 197 -0.06 22.57 6.57
C ILE E 197 1.23 23.34 6.63
N GLU E 198 1.09 24.66 6.54
CA GLU E 198 2.22 25.57 6.69
C GLU E 198 3.00 25.23 7.94
N GLN E 199 4.32 25.25 7.86
CA GLN E 199 5.11 24.93 9.02
C GLN E 199 6.43 25.67 8.93
N ASP E 200 7.06 25.93 10.06
CA ASP E 200 8.37 26.58 10.03
C ASP E 200 9.33 25.81 10.93
N ILE E 201 9.01 24.54 11.20
CA ILE E 201 9.87 23.77 12.12
C ILE E 201 10.99 23.12 11.31
N MET E 202 10.78 23.04 9.99
CA MET E 202 11.81 22.55 9.09
C MET E 202 11.92 23.53 7.93
N PRO E 203 13.08 24.18 7.78
CA PRO E 203 13.19 25.28 6.81
C PRO E 203 13.05 24.85 5.36
N ARG E 204 12.71 25.83 4.50
CA ARG E 204 12.63 25.65 3.04
C ARG E 204 13.92 26.02 2.24
N TRP E 205 15.09 26.06 2.89
CA TRP E 205 16.35 26.44 2.22
C TRP E 205 16.88 25.35 1.26
N GLY E 206 16.51 24.09 1.51
CA GLY E 206 17.11 22.99 0.79
C GLY E 206 18.59 22.84 1.18
N TYR E 207 19.42 22.54 0.18
CA TYR E 207 20.81 22.31 0.42
C TYR E 207 21.58 23.65 0.31
N ASN E 208 22.39 24.00 1.31
CA ASN E 208 23.18 25.28 1.26
C ASN E 208 24.70 25.12 1.18
N ASP F 7 28.84 -23.74 26.80
CA ASP F 7 27.56 -23.73 27.53
C ASP F 7 26.45 -24.49 26.72
N PHE F 8 25.52 -23.75 26.12
CA PHE F 8 24.64 -24.29 25.08
C PHE F 8 25.25 -24.12 23.72
N ASN F 9 24.89 -24.99 22.79
CA ASN F 9 25.42 -24.93 21.42
C ASN F 9 24.86 -23.81 20.54
N GLY F 10 23.78 -23.17 20.97
CA GLY F 10 23.14 -22.09 20.21
C GLY F 10 21.71 -21.94 20.68
N LYS F 11 21.03 -20.90 20.22
CA LYS F 11 19.67 -20.64 20.62
C LYS F 11 18.76 -20.91 19.41
N ILE F 12 17.60 -21.50 19.63
CA ILE F 12 16.62 -21.70 18.54
C ILE F 12 15.26 -21.25 18.96
N THR F 13 14.52 -20.61 18.05
CA THR F 13 13.16 -20.30 18.36
C THR F 13 12.23 -21.37 17.80
N LEU F 14 11.34 -21.87 18.66
CA LEU F 14 10.31 -22.84 18.21
C LEU F 14 8.93 -22.32 18.49
N ALA F 15 8.06 -22.42 17.51
CA ALA F 15 6.71 -21.97 17.65
C ALA F 15 5.87 -23.14 17.29
N ILE F 16 4.93 -23.46 18.15
CA ILE F 16 3.98 -24.49 17.91
C ILE F 16 2.67 -23.86 17.54
N THR F 17 2.03 -24.29 16.45
CA THR F 17 0.75 -23.75 16.09
C THR F 17 -0.29 -24.83 15.91
N GLY F 18 -1.51 -24.40 15.65
CA GLY F 18 -2.64 -25.28 15.61
C GLY F 18 -2.89 -26.10 14.37
N ALA F 19 -1.88 -26.79 13.93
CA ALA F 19 -2.01 -27.75 12.89
C ALA F 19 -1.79 -29.16 13.51
N SER F 20 -2.32 -30.18 12.88
CA SER F 20 -2.17 -31.55 13.39
C SER F 20 -0.72 -31.92 13.25
N GLY F 21 -0.23 -32.82 14.08
CA GLY F 21 1.20 -33.13 14.06
C GLY F 21 1.94 -32.72 15.29
N ALA F 22 1.23 -32.60 16.39
CA ALA F 22 1.89 -32.33 17.68
C ALA F 22 3.08 -33.24 17.98
N SER F 23 3.02 -34.51 17.58
CA SER F 23 4.15 -35.47 17.85
C SER F 23 5.47 -35.03 17.26
N TYR F 24 5.37 -34.41 16.08
CA TYR F 24 6.57 -33.97 15.44
C TYR F 24 7.21 -32.96 16.33
N ALA F 25 6.41 -32.04 16.88
CA ALA F 25 6.97 -30.99 17.68
C ALA F 25 7.62 -31.52 18.98
N MET F 26 6.95 -32.48 19.62
CA MET F 26 7.44 -32.96 20.89
C MET F 26 8.76 -33.71 20.69
N ARG F 27 8.81 -34.54 19.66
CA ARG F 27 10.04 -35.18 19.30
C ARG F 27 11.16 -34.20 18.91
N LEU F 28 10.81 -33.13 18.18
CA LEU F 28 11.80 -32.13 17.81
C LEU F 28 12.43 -31.49 19.03
N ILE F 29 11.59 -31.13 19.99
CA ILE F 29 12.11 -30.57 21.25
C ILE F 29 13.06 -31.55 21.96
N GLU F 30 12.64 -32.81 22.02
CA GLU F 30 13.43 -33.86 22.69
C GLU F 30 14.79 -33.92 22.07
N CYS F 31 14.87 -33.86 20.73
CA CYS F 31 16.16 -34.01 20.05
C CYS F 31 17.06 -32.80 20.20
N LEU F 32 16.47 -31.60 20.23
CA LEU F 32 17.26 -30.38 20.38
C LEU F 32 17.81 -30.29 21.80
N ILE F 33 17.00 -30.72 22.77
CA ILE F 33 17.42 -30.74 24.19
C ILE F 33 18.62 -31.68 24.35
N ALA F 34 18.46 -32.89 23.82
CA ALA F 34 19.59 -33.83 23.84
C ALA F 34 20.78 -33.35 23.01
N ALA F 35 20.58 -32.45 22.03
CA ALA F 35 21.74 -31.90 21.31
C ALA F 35 22.31 -30.64 21.98
N ASN F 36 21.81 -30.31 23.15
CA ASN F 36 22.34 -29.25 23.95
C ASN F 36 22.06 -27.85 23.40
N TYR F 37 20.92 -27.67 22.73
CA TYR F 37 20.48 -26.32 22.32
C TYR F 37 19.58 -25.67 23.36
N GLN F 38 19.57 -24.36 23.34
CA GLN F 38 18.72 -23.58 24.19
C GLN F 38 17.52 -23.11 23.37
N LEU F 39 16.31 -23.26 23.90
CA LEU F 39 15.11 -23.09 23.13
C LEU F 39 14.28 -22.00 23.68
N TYR F 40 13.77 -21.17 22.78
CA TYR F 40 12.72 -20.19 23.16
C TYR F 40 11.42 -20.61 22.52
N ILE F 41 10.48 -21.06 23.31
CA ILE F 41 9.28 -21.74 22.76
C ILE F 41 8.07 -20.85 22.81
N LEU F 42 7.33 -20.81 21.70
CA LEU F 42 6.12 -20.05 21.61
C LEU F 42 5.04 -21.05 21.25
N CYS F 43 3.89 -20.90 21.86
CA CYS F 43 2.78 -21.76 21.58
C CYS F 43 1.52 -20.92 21.41
N SER F 44 0.80 -21.10 20.30
CA SER F 44 -0.48 -20.43 20.08
C SER F 44 -1.58 -21.14 20.86
N SER F 45 -2.73 -20.47 21.06
CA SER F 45 -3.86 -21.07 21.84
C SER F 45 -4.33 -22.31 21.07
N ALA F 46 -4.50 -22.20 19.74
CA ALA F 46 -4.82 -23.40 18.93
C ALA F 46 -3.75 -24.52 19.09
N GLY F 47 -2.48 -24.12 19.12
CA GLY F 47 -1.40 -25.04 19.37
C GLY F 47 -1.60 -25.83 20.66
N ARG F 48 -1.92 -25.13 21.74
CA ARG F 48 -2.18 -25.79 23.02
C ARG F 48 -3.33 -26.80 22.86
N ILE F 49 -4.41 -26.41 22.19
CA ILE F 49 -5.55 -27.35 22.01
C ILE F 49 -5.10 -28.58 21.22
N VAL F 50 -4.28 -28.38 20.20
CA VAL F 50 -3.82 -29.52 19.46
C VAL F 50 -2.93 -30.45 20.29
N LEU F 51 -1.94 -29.90 21.02
CA LEU F 51 -1.10 -30.68 21.89
C LEU F 51 -1.98 -31.49 22.83
N ASP F 52 -2.98 -30.86 23.40
CA ASP F 52 -3.80 -31.59 24.36
C ASP F 52 -4.50 -32.73 23.66
N THR F 53 -5.32 -32.45 22.67
CA THR F 53 -6.11 -33.52 22.08
C THR F 53 -5.28 -34.57 21.41
N GLU F 54 -4.12 -34.25 20.83
CA GLU F 54 -3.36 -35.28 20.12
C GLU F 54 -2.45 -36.04 21.02
N VAL F 55 -1.72 -35.37 21.94
CA VAL F 55 -0.73 -36.14 22.72
C VAL F 55 -0.85 -36.02 24.24
N GLY F 56 -1.95 -35.43 24.74
CA GLY F 56 -2.20 -35.40 26.20
C GLY F 56 -1.25 -34.46 26.92
N VAL F 57 -0.67 -33.51 26.21
CA VAL F 57 0.27 -32.66 26.84
C VAL F 57 -0.42 -31.31 27.06
N LYS F 58 -0.50 -30.90 28.33
CA LYS F 58 -1.19 -29.68 28.72
C LYS F 58 -0.16 -28.68 29.12
N ILE F 59 0.14 -27.75 28.22
CA ILE F 59 1.07 -26.68 28.52
C ILE F 59 0.33 -25.60 29.36
N PRO F 60 0.78 -25.38 30.60
CA PRO F 60 0.24 -24.35 31.49
C PRO F 60 0.03 -23.02 30.77
N SER F 61 -1.02 -22.29 31.14
CA SER F 61 -1.33 -21.08 30.39
C SER F 61 -0.26 -20.02 30.64
N SER F 62 0.12 -19.89 31.91
CA SER F 62 1.22 -19.04 32.38
C SER F 62 2.62 -19.39 31.77
N PRO F 63 3.31 -18.38 31.19
CA PRO F 63 4.67 -18.62 30.65
C PRO F 63 5.67 -19.27 31.65
N ASP F 64 5.81 -18.70 32.86
CA ASP F 64 6.67 -19.28 33.92
C ASP F 64 6.29 -20.72 34.24
N ALA F 65 5.01 -20.97 34.49
CA ALA F 65 4.52 -22.35 34.67
C ALA F 65 4.85 -23.21 33.45
N ALA F 66 4.68 -22.70 32.22
CA ALA F 66 5.07 -23.49 31.00
C ALA F 66 6.55 -23.75 30.89
N SER F 67 7.38 -22.75 31.14
CA SER F 67 8.82 -23.03 31.19
C SER F 67 9.18 -24.17 32.12
N LYS F 68 8.65 -24.14 33.35
CA LYS F 68 8.91 -25.21 34.32
C LYS F 68 8.32 -26.56 33.89
N PHE F 69 7.06 -26.56 33.47
CA PHE F 69 6.43 -27.77 32.97
C PHE F 69 7.30 -28.46 31.91
N LEU F 70 7.86 -27.69 30.96
CA LEU F 70 8.60 -28.35 29.84
C LEU F 70 9.97 -28.76 30.32
N THR F 71 10.62 -27.87 31.09
CA THR F 71 11.93 -28.15 31.72
C THR F 71 11.87 -29.50 32.40
N GLU F 72 10.82 -29.64 33.22
CA GLU F 72 10.56 -30.86 33.96
C GLU F 72 10.32 -32.02 33.01
N LYS F 73 9.45 -31.83 32.02
CA LYS F 73 9.16 -32.90 31.03
C LYS F 73 10.41 -33.45 30.31
N TYR F 74 11.35 -32.60 29.96
CA TYR F 74 12.52 -33.04 29.18
C TYR F 74 13.75 -33.16 30.02
N GLN F 75 13.60 -32.94 31.32
CA GLN F 75 14.75 -32.94 32.25
C GLN F 75 15.84 -32.03 31.69
N ALA F 76 15.47 -30.79 31.36
CA ALA F 76 16.37 -29.86 30.65
C ALA F 76 17.21 -29.10 31.68
N LYS F 77 18.36 -28.61 31.26
CA LYS F 77 19.21 -27.84 32.15
C LYS F 77 18.58 -26.51 32.45
N ASP F 78 19.13 -25.87 33.46
CA ASP F 78 18.82 -24.50 33.81
C ASP F 78 18.80 -23.53 32.56
N GLN F 79 17.70 -22.82 32.37
CA GLN F 79 17.57 -21.80 31.29
C GLN F 79 17.60 -22.41 29.89
N GLN F 80 17.58 -23.74 29.79
CA GLN F 80 17.57 -24.36 28.49
C GLN F 80 16.22 -24.16 27.79
N ILE F 81 15.12 -24.01 28.53
CA ILE F 81 13.81 -23.81 27.91
C ILE F 81 13.11 -22.61 28.49
N THR F 82 12.77 -21.64 27.65
CA THR F 82 12.02 -20.50 28.10
C THR F 82 10.83 -20.42 27.19
N VAL F 83 9.64 -20.52 27.76
CA VAL F 83 8.41 -20.30 27.00
C VAL F 83 8.06 -18.81 27.08
N PHE F 84 7.55 -18.21 26.00
CA PHE F 84 7.09 -16.82 26.07
C PHE F 84 5.66 -16.67 25.58
N GLY F 85 4.92 -15.75 26.20
CA GLY F 85 3.52 -15.59 25.88
C GLY F 85 3.23 -14.83 24.60
N LYS F 86 1.96 -14.87 24.24
CA LYS F 86 1.36 -14.35 23.01
C LYS F 86 1.82 -12.97 22.59
N GLU F 87 1.92 -12.02 23.54
CA GLU F 87 2.27 -10.61 23.24
C GLU F 87 3.36 -10.12 24.16
N GLN F 88 4.26 -11.02 24.52
CA GLN F 88 5.37 -10.69 25.42
C GLN F 88 6.47 -10.02 24.61
N TRP F 89 6.24 -8.77 24.26
CA TRP F 89 7.20 -8.09 23.35
C TRP F 89 8.57 -7.89 23.95
N PHE F 90 8.67 -8.10 25.27
CA PHE F 90 9.95 -7.94 25.94
C PHE F 90 10.87 -9.17 25.79
N SER F 91 10.33 -10.25 25.27
CA SER F 91 11.15 -11.39 24.83
C SER F 91 12.30 -11.01 23.85
N PRO F 92 13.43 -11.76 23.87
CA PRO F 92 14.51 -11.59 22.88
C PRO F 92 14.04 -11.74 21.38
N VAL F 93 13.03 -12.57 21.15
CA VAL F 93 12.60 -12.95 19.81
C VAL F 93 11.91 -11.84 18.97
N ALA F 94 11.43 -10.81 19.64
CA ALA F 94 10.68 -9.75 19.05
C ALA F 94 11.51 -8.65 18.37
N SER F 95 12.81 -8.59 18.66
CA SER F 95 13.65 -7.58 18.08
C SER F 95 14.80 -8.17 17.30
N GLY F 96 15.07 -7.52 16.18
CA GLY F 96 16.21 -7.84 15.42
C GLY F 96 17.50 -7.54 16.18
N SER F 97 17.50 -6.63 17.14
CA SER F 97 18.73 -6.40 17.89
C SER F 97 19.05 -7.62 18.78
N SER F 98 18.11 -8.57 18.92
CA SER F 98 18.30 -9.63 19.96
C SER F 98 17.98 -11.06 19.60
N ALA F 99 17.27 -11.31 18.50
CA ALA F 99 16.60 -12.55 18.33
C ALA F 99 17.51 -13.64 17.75
N PRO F 100 17.20 -14.89 18.05
CA PRO F 100 17.95 -15.97 17.41
C PRO F 100 17.74 -15.94 15.90
N LYS F 101 18.72 -16.48 15.20
CA LYS F 101 18.77 -16.47 13.77
C LYS F 101 18.19 -17.71 13.17
N GLN F 102 17.77 -18.69 14.00
CA GLN F 102 17.09 -19.89 13.51
C GLN F 102 15.72 -20.02 14.18
N MET F 103 14.70 -20.31 13.40
CA MET F 103 13.36 -20.48 13.95
C MET F 103 12.68 -21.57 13.20
N VAL F 104 11.96 -22.43 13.91
CA VAL F 104 11.10 -23.41 13.28
C VAL F 104 9.71 -23.25 13.77
N VAL F 105 8.72 -23.50 12.88
CA VAL F 105 7.32 -23.43 13.23
C VAL F 105 6.81 -24.83 12.94
N CYS F 106 6.61 -25.59 14.03
CA CYS F 106 6.34 -27.03 13.98
C CYS F 106 5.39 -27.42 15.04
N PRO F 107 4.21 -27.90 14.64
CA PRO F 107 3.68 -27.81 13.29
C PRO F 107 3.15 -26.40 12.96
N CYS F 108 3.02 -26.13 11.65
CA CYS F 108 2.63 -24.84 11.11
C CYS F 108 1.26 -24.93 10.41
N SER F 109 0.32 -24.13 10.88
CA SER F 109 -0.96 -24.16 10.26
C SER F 109 -0.85 -23.29 9.04
N THR F 110 -1.79 -23.48 8.13
CA THR F 110 -1.80 -22.68 6.96
C THR F 110 -2.13 -21.24 7.29
N GLY F 111 -2.96 -21.00 8.33
CA GLY F 111 -3.19 -19.65 8.82
C GLY F 111 -2.00 -18.87 9.40
N THR F 112 -1.14 -19.52 10.15
CA THR F 112 0.09 -18.88 10.59
C THR F 112 1.13 -18.76 9.46
N MET F 113 1.18 -19.73 8.56
CA MET F 113 2.03 -19.59 7.36
C MET F 113 1.56 -18.37 6.55
N ALA F 114 0.25 -18.19 6.45
CA ALA F 114 -0.36 -17.00 5.78
C ALA F 114 -0.01 -15.67 6.39
N ALA F 115 -0.06 -15.62 7.69
CA ALA F 115 0.22 -14.44 8.42
C ALA F 115 1.68 -14.07 8.22
N ILE F 116 2.54 -15.07 8.12
CA ILE F 116 3.99 -14.79 8.00
C ILE F 116 4.28 -14.38 6.55
N CYS F 117 3.56 -15.01 5.61
CA CYS F 117 3.74 -14.75 4.18
C CYS F 117 3.48 -13.27 3.96
N HIS F 118 2.41 -12.77 4.58
CA HIS F 118 1.94 -11.38 4.37
C HIS F 118 2.44 -10.34 5.36
N GLY F 119 3.30 -10.75 6.26
CA GLY F 119 3.90 -9.92 7.33
C GLY F 119 2.93 -9.31 8.38
N MET F 120 1.86 -10.04 8.73
CA MET F 120 0.81 -9.54 9.64
C MET F 120 1.36 -9.17 11.02
N SER F 121 2.33 -9.96 11.50
CA SER F 121 3.04 -9.63 12.76
C SER F 121 2.08 -9.14 13.89
N ASP F 122 1.01 -9.88 14.14
CA ASP F 122 -0.02 -9.53 15.16
C ASP F 122 0.22 -10.09 16.55
N ASN F 123 1.15 -11.04 16.66
CA ASN F 123 1.47 -11.68 17.91
C ASN F 123 2.96 -12.13 17.89
N LEU F 124 3.42 -12.74 18.97
CA LEU F 124 4.88 -12.94 19.16
C LEU F 124 5.45 -13.89 18.13
N ILE F 125 4.66 -14.91 17.79
CA ILE F 125 5.07 -15.86 16.75
C ILE F 125 5.28 -15.19 15.40
N GLU F 126 4.33 -14.37 14.98
CA GLU F 126 4.39 -13.75 13.65
C GLU F 126 5.49 -12.67 13.67
N ARG F 127 5.67 -11.96 14.78
CA ARG F 127 6.76 -10.96 14.87
C ARG F 127 8.10 -11.61 14.83
N ALA F 128 8.26 -12.70 15.60
CA ALA F 128 9.47 -13.49 15.62
C ALA F 128 9.89 -13.98 14.22
N ALA F 129 8.92 -14.52 13.49
CA ALA F 129 9.11 -14.83 12.12
C ALA F 129 9.55 -13.69 11.24
N ASP F 130 8.86 -12.57 11.29
CA ASP F 130 9.14 -11.47 10.47
C ASP F 130 10.56 -10.94 10.77
N VAL F 131 10.94 -11.01 12.05
CA VAL F 131 12.27 -10.54 12.45
C VAL F 131 13.33 -11.45 11.85
N VAL F 132 13.12 -12.77 11.96
CA VAL F 132 14.07 -13.72 11.37
C VAL F 132 14.23 -13.49 9.87
N ILE F 133 13.13 -13.18 9.20
CA ILE F 133 13.16 -13.02 7.78
C ILE F 133 13.91 -11.76 7.45
N LYS F 134 13.60 -10.66 8.14
CA LYS F 134 14.26 -9.38 7.82
C LYS F 134 15.73 -9.41 8.17
N GLU F 135 16.12 -10.12 9.20
CA GLU F 135 17.51 -10.17 9.54
C GLU F 135 18.27 -11.21 8.68
N ARG F 136 17.62 -11.82 7.71
CA ARG F 136 18.24 -12.89 6.89
C ARG F 136 18.80 -14.11 7.66
N GLY F 137 18.06 -14.60 8.67
CA GLY F 137 18.31 -15.91 9.25
C GLY F 137 17.49 -17.03 8.60
N GLN F 138 17.26 -18.09 9.36
CA GLN F 138 16.70 -19.25 8.75
C GLN F 138 15.41 -19.60 9.41
N LEU F 139 14.37 -19.64 8.59
CA LEU F 139 13.10 -20.00 9.09
C LEU F 139 12.63 -21.21 8.34
N ILE F 140 12.14 -22.18 9.09
CA ILE F 140 11.60 -23.41 8.56
C ILE F 140 10.16 -23.59 8.98
N LEU F 141 9.29 -23.94 8.05
CA LEU F 141 7.88 -24.05 8.41
C LEU F 141 7.42 -25.45 8.05
N MET F 142 7.08 -26.25 9.07
CA MET F 142 6.57 -27.58 8.82
C MET F 142 5.10 -27.58 8.67
N VAL F 143 4.64 -27.38 7.48
CA VAL F 143 3.25 -27.21 7.24
C VAL F 143 2.58 -28.55 7.15
N ARG F 144 1.42 -28.64 7.77
CA ARG F 144 0.60 -29.85 7.70
C ARG F 144 -0.80 -29.50 7.25
N GLU F 145 -1.08 -29.80 5.99
CA GLU F 145 -2.42 -29.69 5.48
C GLU F 145 -2.49 -30.43 4.17
N THR F 146 -3.65 -31.01 3.89
CA THR F 146 -3.90 -31.58 2.63
C THR F 146 -5.39 -31.72 2.37
N PRO F 147 -5.82 -31.60 1.12
CA PRO F 147 -5.01 -31.08 0.01
C PRO F 147 -4.67 -29.59 0.17
N PHE F 148 -3.80 -29.12 -0.69
CA PHE F 148 -3.49 -27.67 -0.78
C PHE F 148 -4.49 -26.97 -1.75
N SER F 149 -4.88 -25.73 -1.39
CA SER F 149 -5.56 -24.83 -2.27
C SER F 149 -4.51 -23.99 -3.05
N THR F 150 -4.98 -23.41 -4.10
CA THR F 150 -4.18 -22.50 -4.88
C THR F 150 -3.61 -21.38 -4.01
N LEU F 151 -4.44 -20.81 -3.11
CA LEU F 151 -3.97 -19.77 -2.28
C LEU F 151 -2.99 -20.28 -1.29
N HIS F 152 -3.14 -21.47 -0.77
CA HIS F 152 -2.05 -22.01 0.06
C HIS F 152 -0.72 -22.01 -0.73
N LEU F 153 -0.81 -22.45 -1.95
CA LEU F 153 0.37 -22.58 -2.80
C LEU F 153 0.96 -21.23 -3.12
N GLN F 154 0.11 -20.21 -3.37
CA GLN F 154 0.64 -18.85 -3.60
C GLN F 154 1.44 -18.36 -2.43
N ASN F 155 0.90 -18.62 -1.23
CA ASN F 155 1.55 -18.18 0.01
C ASN F 155 2.88 -18.87 0.26
N MET F 156 2.87 -20.21 0.19
CA MET F 156 4.12 -20.94 0.27
C MET F 156 5.16 -20.52 -0.78
N LEU F 157 4.69 -20.34 -2.01
CA LEU F 157 5.54 -19.88 -3.11
C LEU F 157 6.27 -18.59 -2.75
N SER F 158 5.53 -17.60 -2.27
CA SER F 158 6.19 -16.34 -2.01
C SER F 158 7.19 -16.42 -0.87
N LEU F 159 6.89 -17.16 0.22
CA LEU F 159 7.85 -17.39 1.27
C LEU F 159 9.05 -18.17 0.79
N SER F 160 8.80 -19.20 0.02
CA SER F 160 9.92 -19.98 -0.57
C SER F 160 10.79 -19.12 -1.40
N GLN F 161 10.22 -18.18 -2.20
CA GLN F 161 11.08 -17.36 -3.09
C GLN F 161 11.94 -16.49 -2.19
N GLN F 162 11.46 -16.26 -0.98
CA GLN F 162 12.14 -15.33 -0.09
C GLN F 162 13.09 -16.02 0.89
N GLY F 163 13.47 -17.28 0.63
CA GLY F 163 14.45 -18.01 1.41
C GLY F 163 13.89 -18.77 2.67
N VAL F 164 12.58 -18.80 2.87
CA VAL F 164 11.94 -19.58 3.94
C VAL F 164 11.77 -21.01 3.40
N THR F 165 12.11 -21.99 4.24
CA THR F 165 11.99 -23.41 3.91
C THR F 165 10.65 -23.95 4.18
N ILE F 166 9.90 -24.26 3.14
CA ILE F 166 8.56 -24.88 3.32
C ILE F 166 8.87 -26.37 3.32
N MET F 167 8.66 -26.99 4.47
CA MET F 167 8.90 -28.41 4.66
C MET F 167 7.59 -29.12 5.03
N PRO F 168 6.78 -29.55 4.05
CA PRO F 168 5.60 -30.22 4.47
C PRO F 168 5.81 -31.53 5.24
N ALA F 169 4.86 -31.85 6.12
CA ALA F 169 4.92 -33.04 6.98
C ALA F 169 4.53 -34.22 6.16
N SER F 170 5.37 -34.59 5.20
CA SER F 170 5.08 -35.63 4.23
C SER F 170 6.19 -36.65 4.37
N PRO F 171 6.16 -37.49 5.44
CA PRO F 171 7.32 -38.34 5.63
C PRO F 171 7.44 -39.40 4.55
N GLY F 172 8.64 -39.83 4.26
CA GLY F 172 8.81 -40.89 3.31
C GLY F 172 8.88 -42.27 4.01
N PHE F 173 8.81 -43.31 3.21
CA PHE F 173 8.77 -44.71 3.71
C PHE F 173 9.88 -45.60 3.20
N TYR F 174 10.91 -45.02 2.64
CA TYR F 174 11.94 -45.81 1.96
C TYR F 174 13.01 -46.32 2.89
N HIS F 175 12.99 -45.87 4.14
CA HIS F 175 13.97 -46.28 5.11
C HIS F 175 13.31 -47.44 5.87
N LYS F 176 13.68 -47.70 7.11
CA LYS F 176 13.09 -48.84 7.88
C LYS F 176 11.80 -48.41 8.59
N VAL F 177 10.64 -48.63 7.97
CA VAL F 177 9.36 -48.18 8.56
C VAL F 177 8.58 -49.28 9.30
N GLU F 178 8.68 -49.24 10.63
CA GLU F 178 8.06 -50.23 11.50
C GLU F 178 6.90 -49.57 12.24
N THR F 179 7.16 -48.42 12.86
CA THR F 179 6.21 -47.77 13.74
C THR F 179 6.05 -46.33 13.30
N ILE F 180 5.02 -45.71 13.85
CA ILE F 180 4.80 -44.29 13.62
C ILE F 180 6.05 -43.49 14.01
N GLU F 181 6.79 -43.91 15.03
CA GLU F 181 7.95 -43.13 15.46
C GLU F 181 8.95 -42.96 14.34
N ASP F 182 9.05 -43.95 13.48
CA ASP F 182 9.93 -43.86 12.29
C ASP F 182 9.49 -42.76 11.31
N LEU F 183 8.19 -42.54 11.18
CA LEU F 183 7.71 -41.43 10.36
C LEU F 183 7.96 -40.09 11.05
N ILE F 184 7.71 -40.01 12.35
CA ILE F 184 8.02 -38.80 13.08
C ILE F 184 9.48 -38.49 12.97
N ASP F 185 10.29 -39.52 13.07
CA ASP F 185 11.73 -39.32 13.10
C ASP F 185 12.24 -38.95 11.71
N PHE F 186 11.53 -39.37 10.65
CA PHE F 186 11.85 -38.93 9.28
C PHE F 186 11.82 -37.40 9.21
N MET F 187 10.76 -36.82 9.75
CA MET F 187 10.53 -35.35 9.59
C MET F 187 11.46 -34.61 10.47
N VAL F 188 11.65 -35.14 11.68
CA VAL F 188 12.45 -34.43 12.68
C VAL F 188 13.90 -34.42 12.23
N GLY F 189 14.34 -35.54 11.72
CA GLY F 189 15.67 -35.62 11.17
C GLY F 189 15.91 -34.69 9.98
N ARG F 190 14.92 -34.49 9.12
CA ARG F 190 15.06 -33.52 8.06
C ARG F 190 15.18 -32.09 8.63
N VAL F 191 14.43 -31.77 9.69
CA VAL F 191 14.52 -30.45 10.25
C VAL F 191 15.91 -30.25 10.90
N LEU F 192 16.40 -31.28 11.58
CA LEU F 192 17.69 -31.19 12.20
C LEU F 192 18.84 -31.03 11.15
N ASP F 193 18.76 -31.74 10.02
CA ASP F 193 19.73 -31.61 8.95
C ASP F 193 19.74 -30.16 8.44
N HIS F 194 18.56 -29.62 8.14
CA HIS F 194 18.46 -28.19 7.78
C HIS F 194 19.05 -27.23 8.77
N LEU F 195 18.82 -27.45 10.06
CA LEU F 195 19.36 -26.56 11.09
C LEU F 195 20.84 -26.67 11.33
N GLY F 196 21.43 -27.73 10.77
CA GLY F 196 22.84 -27.90 10.71
C GLY F 196 23.24 -28.73 11.92
N ILE F 197 22.34 -29.55 12.47
CA ILE F 197 22.57 -30.16 13.76
C ILE F 197 22.74 -31.67 13.57
N GLU F 198 23.78 -32.22 14.18
CA GLU F 198 24.13 -33.63 14.02
C GLU F 198 23.03 -34.55 14.54
N GLN F 199 22.67 -35.54 13.75
CA GLN F 199 21.45 -36.28 14.02
C GLN F 199 21.69 -37.76 13.65
N ASP F 200 21.11 -38.73 14.37
CA ASP F 200 21.12 -40.16 13.92
C ASP F 200 19.78 -40.89 14.05
N ILE F 201 18.70 -40.14 14.08
CA ILE F 201 17.37 -40.73 14.11
C ILE F 201 16.91 -41.06 12.70
N MET F 202 17.60 -40.49 11.70
CA MET F 202 17.34 -40.77 10.31
C MET F 202 18.71 -41.01 9.69
N PRO F 203 19.04 -42.26 9.34
CA PRO F 203 20.34 -42.56 8.73
C PRO F 203 20.51 -41.94 7.31
N ARG F 204 21.75 -41.94 6.80
CA ARG F 204 22.12 -41.39 5.50
C ARG F 204 22.40 -42.47 4.41
N TRP F 205 21.80 -43.64 4.56
CA TRP F 205 21.95 -44.72 3.58
C TRP F 205 21.23 -44.28 2.27
N GLY F 206 20.23 -43.43 2.35
CA GLY F 206 19.46 -43.11 1.15
C GLY F 206 18.66 -44.32 0.69
N TYR F 207 18.48 -44.47 -0.60
CA TYR F 207 17.63 -45.57 -1.10
C TYR F 207 18.48 -46.88 -1.17
N ASN F 208 17.85 -48.02 -0.92
CA ASN F 208 18.55 -49.33 -1.02
C ASN F 208 17.70 -50.33 -1.79
#